data_2GYW
#
_entry.id   2GYW
#
_cell.length_a   79.060
_cell.length_b   111.530
_cell.length_c   227.360
_cell.angle_alpha   90.00
_cell.angle_beta   90.00
_cell.angle_gamma   90.00
#
_symmetry.space_group_name_H-M   'P 21 21 21'
#
loop_
_entity.id
_entity.type
_entity.pdbx_description
1 polymer Acetylcholinesterase
2 branched alpha-L-fucopyranose-(1-6)-2-acetamido-2-deoxy-beta-D-glucopyranose
3 non-polymer 2-acetamido-2-deoxy-beta-D-glucopyranose
4 non-polymer 'CARBONATE ION'
5 non-polymer "1,1'-(OXYDIMETHYLENE)BIS(4-FORMYLPYRIDINIUM)DIOXIME"
6 non-polymer 'HEXAETHYLENE GLYCOL'
7 water water
#
_entity_poly.entity_id   1
_entity_poly.type   'polypeptide(L)'
_entity_poly.pdbx_seq_one_letter_code
;EGREDPQLLVRVRGGQLRGIRLKAPGGPVSAFLGIPFAEPPVGSRRFMPPEPKRPWSGVLDATTFQNVCYQYVDTLYPGF
EGTEMWNPNRELSEDCLYLNVWTPYPRPASPTPVLIWIYGGGFYSGAASLDVYDGRFLAQVEGAVLVSMNYRVGTFGFLA
LPGSREAPGNVGLLDQRLALQWVQENIAAFGGDPMSVTLFGESAGAASVGMHILSLPSRSLFHRAVLQSGTPNGPWATVS
AGEARRRATLLARLVGCPPGGAGGNDTELIACLRTRPAQDLVDHEWHVLPQESIFRFSFVPVVDGDFLSDTPEALINTGD
FQDLQVLVGVVKDEGSYFLVYGVPGFSKDNESLISRAQFLAGVRIGVPQASDLAAEAVVLHYTDWLHPEDPTHLRDAMSA
VVGDHNVVCPVAQLAGRLAAQGARVYAYIFEHRASTLTWPLWMGVPHGYEIEFIFGLPLDPSLNYTTEERIFAQRLMKYW
TNFARTGDPNDPRDSKSPQWPPYTTAAQQYVSLNLKPLEVRRGLRAQTCAFWNRFLPKLLSAT
;
_entity_poly.pdbx_strand_id   A,B
#
loop_
_chem_comp.id
_chem_comp.type
_chem_comp.name
_chem_comp.formula
CO3 non-polymer 'CARBONATE ION' 'C O3 -2'
FUC L-saccharide, alpha linking alpha-L-fucopyranose 'C6 H12 O5'
NAG D-saccharide, beta linking 2-acetamido-2-deoxy-beta-D-glucopyranose 'C8 H15 N O6'
OBI non-polymer 1,1'-(OXYDIMETHYLENE)BIS(4-FORMYLPYRIDINIUM)DIOXIME 'C14 H16 N4 O3 2'
P6G non-polymer 'HEXAETHYLENE GLYCOL' 'C12 H26 O7'
#
# COMPACT_ATOMS: atom_id res chain seq x y z
N GLU A 1 51.70 -13.18 -45.47
CA GLU A 1 51.21 -11.89 -44.88
C GLU A 1 52.08 -10.73 -45.39
N GLY A 2 52.71 -9.99 -44.47
CA GLY A 2 53.86 -9.16 -44.82
C GLY A 2 53.54 -7.78 -45.36
N ARG A 3 52.36 -7.63 -45.94
CA ARG A 3 51.83 -6.34 -46.40
C ARG A 3 50.89 -5.73 -45.35
N GLU A 4 50.16 -6.57 -44.65
CA GLU A 4 49.20 -6.16 -43.61
C GLU A 4 49.80 -5.43 -42.43
N ASP A 5 48.90 -4.79 -41.67
CA ASP A 5 49.21 -4.16 -40.40
C ASP A 5 49.58 -5.24 -39.38
N PRO A 6 50.85 -5.24 -38.91
CA PRO A 6 51.38 -6.21 -37.94
C PRO A 6 50.59 -6.33 -36.62
N GLN A 7 49.85 -5.29 -36.25
CA GLN A 7 49.12 -5.32 -35.00
C GLN A 7 47.71 -5.94 -35.05
N LEU A 8 47.30 -6.39 -36.22
CA LEU A 8 45.95 -6.91 -36.42
C LEU A 8 45.93 -8.42 -36.61
N LEU A 9 47.12 -9.02 -36.48
CA LEU A 9 47.27 -10.44 -36.67
C LEU A 9 47.48 -11.11 -35.33
N VAL A 10 46.56 -11.99 -34.96
CA VAL A 10 46.54 -12.67 -33.66
C VAL A 10 46.13 -14.14 -33.92
N ARG A 11 46.70 -15.06 -33.15
CA ARG A 11 46.32 -16.47 -33.19
C ARG A 11 45.52 -16.84 -31.92
N VAL A 12 44.46 -17.62 -32.13
CA VAL A 12 43.65 -18.23 -31.06
C VAL A 12 43.69 -19.76 -31.20
N ARG A 13 43.02 -20.47 -30.29
CA ARG A 13 43.09 -21.94 -30.24
C ARG A 13 42.66 -22.60 -31.55
N GLY A 14 41.69 -21.99 -32.24
CA GLY A 14 41.20 -22.47 -33.52
C GLY A 14 41.99 -22.05 -34.75
N GLY A 15 42.89 -21.07 -34.61
CA GLY A 15 43.73 -20.66 -35.73
C GLY A 15 44.07 -19.19 -35.77
N GLN A 16 44.46 -18.72 -36.96
CA GLN A 16 44.90 -17.34 -37.18
C GLN A 16 43.79 -16.38 -37.55
N LEU A 17 43.84 -15.16 -36.99
CA LEU A 17 42.83 -14.11 -37.22
C LEU A 17 43.42 -12.81 -37.74
N ARG A 18 42.69 -12.15 -38.63
CA ARG A 18 43.04 -10.79 -39.04
C ARG A 18 41.93 -9.82 -38.62
N GLY A 19 42.28 -8.82 -37.83
CA GLY A 19 41.32 -7.84 -37.36
C GLY A 19 41.35 -6.54 -38.14
N ILE A 20 40.63 -5.55 -37.62
CA ILE A 20 40.53 -4.27 -38.30
C ILE A 20 40.85 -3.11 -37.32
N ARG A 21 41.55 -2.10 -37.83
CA ARG A 21 41.82 -0.90 -37.08
C ARG A 21 40.61 0.01 -37.26
N LEU A 22 39.87 0.25 -36.19
CA LEU A 22 38.70 1.13 -36.22
C LEU A 22 39.04 2.52 -35.67
N LYS A 23 38.25 3.52 -36.05
CA LYS A 23 38.46 4.90 -35.63
C LYS A 23 37.49 5.22 -34.49
N ALA A 24 38.02 5.54 -33.32
CA ALA A 24 37.20 6.05 -32.24
C ALA A 24 37.53 7.53 -32.10
N PRO A 25 36.64 8.32 -31.51
CA PRO A 25 36.83 9.77 -31.42
C PRO A 25 38.23 10.16 -30.96
N GLY A 26 38.77 9.45 -29.96
CA GLY A 26 40.07 9.81 -29.38
C GLY A 26 41.28 9.12 -30.00
N GLY A 27 41.05 8.23 -30.95
CA GLY A 27 42.12 7.49 -31.60
C GLY A 27 41.64 6.10 -31.99
N PRO A 28 42.55 5.25 -32.52
CA PRO A 28 42.21 3.92 -33.06
C PRO A 28 42.03 2.78 -32.05
N VAL A 29 41.21 1.79 -32.42
CA VAL A 29 41.01 0.56 -31.66
C VAL A 29 41.19 -0.68 -32.56
N SER A 30 41.49 -1.82 -31.97
CA SER A 30 41.56 -3.08 -32.71
C SER A 30 40.24 -3.83 -32.53
N ALA A 31 39.73 -4.42 -33.61
CA ALA A 31 38.49 -5.14 -33.53
C ALA A 31 38.58 -6.47 -34.28
N PHE A 32 38.11 -7.53 -33.65
CA PHE A 32 38.16 -8.85 -34.21
C PHE A 32 36.73 -9.30 -34.17
N LEU A 33 36.08 -9.26 -35.33
CA LEU A 33 34.64 -9.39 -35.44
C LEU A 33 34.25 -10.66 -36.20
N GLY A 34 33.17 -11.31 -35.76
CA GLY A 34 32.78 -12.58 -36.33
C GLY A 34 33.79 -13.72 -36.19
N ILE A 35 34.37 -13.87 -34.99
CA ILE A 35 35.19 -15.06 -34.66
C ILE A 35 34.31 -16.26 -34.31
N PRO A 36 34.40 -17.35 -35.07
CA PRO A 36 33.50 -18.48 -34.78
C PRO A 36 33.90 -19.14 -33.46
N PHE A 37 32.95 -19.36 -32.54
CA PHE A 37 33.31 -20.07 -31.29
C PHE A 37 32.67 -21.45 -31.15
N ALA A 38 31.81 -21.82 -32.10
CA ALA A 38 31.17 -23.13 -32.12
C ALA A 38 30.99 -23.62 -33.55
N GLU A 39 30.75 -24.93 -33.68
CA GLU A 39 30.29 -25.50 -34.92
C GLU A 39 28.89 -24.95 -35.20
N PRO A 40 28.64 -24.52 -36.44
CA PRO A 40 27.31 -24.02 -36.80
C PRO A 40 26.19 -24.96 -36.31
N PRO A 41 25.32 -24.48 -35.40
CA PRO A 41 24.28 -25.33 -34.84
C PRO A 41 23.12 -25.57 -35.81
N VAL A 42 23.44 -26.16 -36.97
CA VAL A 42 22.49 -26.27 -38.08
C VAL A 42 22.14 -27.74 -38.39
N GLY A 43 21.07 -27.96 -39.15
CA GLY A 43 20.72 -29.32 -39.58
C GLY A 43 20.40 -30.13 -38.35
N SER A 44 21.04 -31.28 -38.20
CA SER A 44 20.78 -32.15 -37.05
C SER A 44 21.34 -31.60 -35.71
N ARG A 45 21.98 -30.44 -35.75
CA ARG A 45 22.48 -29.80 -34.53
C ARG A 45 21.52 -28.72 -34.00
N ARG A 46 20.39 -28.55 -34.70
CA ARG A 46 19.32 -27.66 -34.22
C ARG A 46 18.75 -28.17 -32.89
N PHE A 47 18.59 -27.25 -31.93
CA PHE A 47 18.13 -27.52 -30.54
C PHE A 47 19.15 -28.24 -29.68
N MET A 48 20.29 -28.59 -30.27
CA MET A 48 21.37 -29.25 -29.59
C MET A 48 22.35 -28.27 -28.92
N PRO A 49 22.98 -28.71 -27.81
CA PRO A 49 24.01 -27.90 -27.17
C PRO A 49 25.14 -27.61 -28.17
N PRO A 50 25.84 -26.48 -28.00
CA PRO A 50 26.91 -26.16 -28.95
C PRO A 50 28.10 -27.10 -28.78
N GLU A 51 28.81 -27.35 -29.88
CA GLU A 51 30.10 -28.06 -29.82
C GLU A 51 31.17 -27.04 -30.14
N PRO A 52 32.31 -27.12 -29.45
CA PRO A 52 33.42 -26.19 -29.74
C PRO A 52 33.79 -26.13 -31.23
N LYS A 53 34.12 -24.93 -31.73
CA LYS A 53 34.54 -24.73 -33.11
C LYS A 53 35.82 -25.49 -33.41
N ARG A 54 35.78 -26.30 -34.47
CA ARG A 54 36.94 -27.02 -34.96
C ARG A 54 37.95 -26.08 -35.63
N PRO A 55 39.27 -26.29 -35.38
CA PRO A 55 40.29 -25.40 -35.92
C PRO A 55 40.16 -25.19 -37.42
N TRP A 56 40.38 -23.96 -37.87
CA TRP A 56 40.37 -23.65 -39.30
C TRP A 56 41.79 -23.55 -39.86
N SER A 57 41.90 -23.57 -41.18
CA SER A 57 43.21 -23.38 -41.79
C SER A 57 43.32 -21.98 -42.39
N GLY A 58 44.53 -21.45 -42.41
CA GLY A 58 44.78 -20.12 -42.97
C GLY A 58 44.32 -19.02 -42.02
N VAL A 59 44.34 -17.79 -42.51
CA VAL A 59 44.04 -16.63 -41.70
C VAL A 59 42.58 -16.29 -41.92
N LEU A 60 41.78 -16.44 -40.86
CA LEU A 60 40.38 -16.08 -40.88
C LEU A 60 40.21 -14.56 -40.80
N ASP A 61 39.44 -14.02 -41.73
CA ASP A 61 39.16 -12.60 -41.72
C ASP A 61 38.14 -12.27 -40.62
N ALA A 62 38.55 -11.45 -39.66
CA ALA A 62 37.68 -11.02 -38.58
C ALA A 62 37.43 -9.50 -38.64
N THR A 63 37.07 -9.02 -39.84
CA THR A 63 36.92 -7.57 -40.09
C THR A 63 35.46 -7.05 -40.18
N THR A 64 34.48 -7.95 -40.17
CA THR A 64 33.07 -7.56 -40.23
C THR A 64 32.26 -8.44 -39.31
N PHE A 65 31.13 -7.92 -38.83
CA PHE A 65 30.22 -8.69 -38.02
C PHE A 65 29.70 -9.89 -38.80
N GLN A 66 29.35 -10.92 -38.07
CA GLN A 66 28.84 -12.12 -38.68
C GLN A 66 27.31 -12.14 -38.61
N ASN A 67 26.72 -13.21 -39.13
CA ASN A 67 25.29 -13.43 -39.03
C ASN A 67 24.71 -13.26 -37.63
N VAL A 68 23.49 -12.74 -37.62
CA VAL A 68 22.60 -12.64 -36.48
C VAL A 68 21.77 -13.93 -36.42
N CYS A 69 21.58 -14.43 -35.22
CA CYS A 69 20.83 -15.66 -34.97
C CYS A 69 19.40 -15.50 -35.46
N TYR A 70 18.85 -16.59 -36.00
CA TYR A 70 17.56 -16.53 -36.66
C TYR A 70 16.49 -16.06 -35.68
N GLN A 71 15.71 -15.07 -36.09
CA GLN A 71 14.79 -14.45 -35.14
C GLN A 71 13.69 -13.65 -35.77
N TYR A 72 12.73 -13.28 -34.93
CA TYR A 72 11.62 -12.38 -35.26
C TYR A 72 12.13 -10.98 -35.54
N VAL A 73 11.64 -10.36 -36.61
CA VAL A 73 11.90 -8.94 -36.91
C VAL A 73 10.67 -8.08 -36.56
N ASP A 74 10.85 -7.07 -35.72
CA ASP A 74 9.77 -6.22 -35.24
C ASP A 74 9.10 -5.37 -36.34
N THR A 75 7.78 -5.26 -36.25
CA THR A 75 6.97 -4.66 -37.33
C THR A 75 5.92 -3.63 -36.88
N LEU A 76 5.84 -3.36 -35.59
CA LEU A 76 4.83 -2.44 -35.08
C LEU A 76 5.00 -1.08 -35.73
N TYR A 77 6.23 -0.55 -35.71
CA TYR A 77 6.52 0.75 -36.33
C TYR A 77 7.64 0.68 -37.36
N PRO A 78 7.30 0.24 -38.57
CA PRO A 78 8.34 0.06 -39.61
C PRO A 78 8.94 1.40 -40.08
N GLY A 79 10.27 1.55 -39.92
CA GLY A 79 10.98 2.78 -40.30
C GLY A 79 11.32 3.68 -39.11
N PHE A 80 10.67 3.39 -37.99
CA PHE A 80 10.82 4.17 -36.78
C PHE A 80 12.14 3.81 -36.12
N GLU A 81 12.96 4.82 -35.82
CA GLU A 81 14.28 4.57 -35.25
C GLU A 81 14.23 3.84 -33.91
N GLY A 82 13.23 4.17 -33.09
CA GLY A 82 13.13 3.62 -31.75
C GLY A 82 13.00 2.11 -31.71
N THR A 83 12.37 1.53 -32.73
CA THR A 83 12.25 0.09 -32.85
C THR A 83 13.36 -0.53 -33.73
N GLU A 84 13.63 0.11 -34.88
CA GLU A 84 14.63 -0.41 -35.81
C GLU A 84 16.03 -0.55 -35.21
N MET A 85 16.39 0.36 -34.30
CA MET A 85 17.69 0.27 -33.64
C MET A 85 17.95 -1.09 -32.95
N TRP A 86 16.89 -1.82 -32.60
CA TRP A 86 17.01 -3.13 -31.98
C TRP A 86 16.93 -4.30 -32.98
N ASN A 87 16.59 -4.03 -34.24
CA ASN A 87 16.38 -5.10 -35.22
C ASN A 87 17.68 -5.66 -35.84
N PRO A 88 17.65 -6.91 -36.38
CA PRO A 88 18.90 -7.48 -36.94
C PRO A 88 19.54 -6.54 -37.94
N ASN A 89 20.86 -6.41 -37.90
CA ASN A 89 21.56 -5.56 -38.87
C ASN A 89 22.60 -6.34 -39.67
N ARG A 90 22.55 -7.68 -39.60
CA ARG A 90 23.31 -8.56 -40.49
C ARG A 90 22.36 -9.71 -40.89
N GLU A 91 22.70 -10.49 -41.89
CA GLU A 91 21.83 -11.56 -42.37
C GLU A 91 21.41 -12.50 -41.24
N LEU A 92 20.15 -12.92 -41.26
CA LEU A 92 19.65 -13.92 -40.29
C LEU A 92 20.06 -15.29 -40.75
N SER A 93 20.58 -16.08 -39.82
CA SER A 93 21.02 -17.44 -40.10
C SER A 93 21.10 -18.21 -38.78
N GLU A 94 20.90 -19.52 -38.87
CA GLU A 94 21.13 -20.42 -37.75
C GLU A 94 22.63 -20.61 -37.52
N ASP A 95 23.41 -20.40 -38.57
CA ASP A 95 24.86 -20.29 -38.50
C ASP A 95 25.23 -18.90 -37.98
N CYS A 96 25.31 -18.78 -36.65
CA CYS A 96 25.38 -17.49 -36.02
C CYS A 96 26.26 -17.42 -34.77
N LEU A 97 26.95 -18.52 -34.46
CA LEU A 97 27.65 -18.61 -33.18
C LEU A 97 29.03 -18.02 -33.31
N TYR A 98 29.08 -16.69 -33.28
CA TYR A 98 30.31 -15.94 -33.48
C TYR A 98 30.40 -14.91 -32.39
N LEU A 99 31.62 -14.47 -32.09
CA LEU A 99 31.85 -13.43 -31.05
C LEU A 99 32.78 -12.29 -31.55
N ASN A 100 32.81 -11.18 -30.83
CA ASN A 100 33.53 -9.97 -31.21
C ASN A 100 34.43 -9.53 -30.07
N VAL A 101 35.62 -9.06 -30.42
CA VAL A 101 36.57 -8.50 -29.46
C VAL A 101 37.03 -7.12 -29.89
N TRP A 102 36.93 -6.15 -29.00
CA TRP A 102 37.55 -4.85 -29.16
C TRP A 102 38.64 -4.74 -28.10
N THR A 103 39.81 -4.24 -28.50
CA THR A 103 40.90 -3.93 -27.59
C THR A 103 41.50 -2.57 -28.03
N PRO A 104 42.26 -1.90 -27.15
CA PRO A 104 43.08 -0.76 -27.51
C PRO A 104 43.96 -1.04 -28.72
N TYR A 105 44.47 0.01 -29.36
CA TYR A 105 45.42 -0.12 -30.45
C TYR A 105 46.58 0.82 -30.17
N PRO A 106 47.81 0.29 -30.08
CA PRO A 106 48.13 -1.15 -30.14
C PRO A 106 47.61 -1.87 -28.89
N ARG A 107 47.48 -3.20 -28.98
CA ARG A 107 46.98 -4.03 -27.87
C ARG A 107 47.75 -3.78 -26.57
N PRO A 108 47.06 -3.86 -25.41
CA PRO A 108 47.61 -3.44 -24.12
C PRO A 108 48.93 -4.11 -23.69
N ALA A 109 49.76 -3.34 -22.97
CA ALA A 109 51.08 -3.79 -22.46
C ALA A 109 50.97 -4.96 -21.48
N SER A 110 50.08 -4.82 -20.51
CA SER A 110 49.96 -5.70 -19.38
C SER A 110 48.52 -6.23 -19.37
N PRO A 111 48.28 -7.39 -18.71
CA PRO A 111 46.95 -8.01 -18.73
C PRO A 111 45.80 -7.09 -18.26
N THR A 112 44.76 -6.98 -19.10
CA THR A 112 43.73 -5.97 -18.99
C THR A 112 42.36 -6.58 -18.66
N PRO A 113 41.68 -6.04 -17.63
CA PRO A 113 40.31 -6.44 -17.27
C PRO A 113 39.35 -6.63 -18.47
N VAL A 114 38.64 -7.76 -18.49
CA VAL A 114 37.77 -8.10 -19.65
C VAL A 114 36.29 -7.89 -19.31
N LEU A 115 35.59 -7.13 -20.15
CA LEU A 115 34.15 -6.95 -19.98
C LEU A 115 33.45 -7.78 -21.05
N ILE A 116 32.49 -8.63 -20.65
CA ILE A 116 31.74 -9.46 -21.61
C ILE A 116 30.26 -9.08 -21.66
N TRP A 117 29.81 -8.57 -22.80
CA TRP A 117 28.44 -8.11 -22.95
C TRP A 117 27.50 -9.23 -23.39
N ILE A 118 26.33 -9.33 -22.76
CA ILE A 118 25.30 -10.28 -23.19
C ILE A 118 24.02 -9.52 -23.56
N TYR A 119 23.68 -9.45 -24.84
CA TYR A 119 22.52 -8.65 -25.27
C TYR A 119 21.13 -9.09 -24.73
N GLY A 120 20.22 -8.12 -24.60
CA GLY A 120 18.82 -8.40 -24.28
C GLY A 120 18.01 -8.68 -25.53
N GLY A 121 16.70 -8.75 -25.36
CA GLY A 121 15.77 -8.97 -26.48
C GLY A 121 14.77 -10.09 -26.19
N GLY A 122 14.40 -10.22 -24.92
CA GLY A 122 13.41 -11.19 -24.49
C GLY A 122 13.72 -12.67 -24.70
N PHE A 123 14.98 -13.04 -24.91
CA PHE A 123 15.37 -14.40 -25.39
C PHE A 123 14.82 -14.77 -26.79
N TYR A 124 14.22 -13.83 -27.52
CA TYR A 124 13.67 -14.16 -28.86
C TYR A 124 14.38 -13.31 -29.92
N SER A 125 15.24 -12.40 -29.47
CA SER A 125 15.90 -11.48 -30.36
C SER A 125 17.22 -10.95 -29.78
N GLY A 126 17.91 -10.17 -30.61
CA GLY A 126 19.18 -9.57 -30.22
C GLY A 126 20.31 -9.94 -31.18
N ALA A 127 21.36 -9.14 -31.12
CA ALA A 127 22.61 -9.37 -31.86
C ALA A 127 23.70 -8.55 -31.21
N ALA A 128 24.94 -9.03 -31.25
CA ALA A 128 26.06 -8.34 -30.62
C ALA A 128 26.60 -7.25 -31.52
N SER A 129 26.01 -7.14 -32.72
CA SER A 129 26.49 -6.30 -33.79
C SER A 129 25.63 -5.02 -33.95
N LEU A 130 24.67 -4.83 -33.06
CA LEU A 130 23.86 -3.64 -33.04
C LEU A 130 24.72 -2.47 -32.65
N ASP A 131 24.39 -1.32 -33.22
CA ASP A 131 25.14 -0.08 -33.02
C ASP A 131 25.30 0.33 -31.58
N VAL A 132 24.29 0.08 -30.75
CA VAL A 132 24.31 0.49 -29.36
C VAL A 132 25.26 -0.34 -28.48
N TYR A 133 25.81 -1.41 -29.03
CA TYR A 133 26.68 -2.30 -28.28
C TYR A 133 28.14 -2.14 -28.77
N ASP A 134 28.39 -1.07 -29.53
CA ASP A 134 29.71 -0.85 -30.10
C ASP A 134 30.77 -0.66 -29.00
N GLY A 135 31.69 -1.61 -28.91
CA GLY A 135 32.76 -1.61 -27.92
C GLY A 135 33.92 -0.65 -28.13
N ARG A 136 33.88 0.15 -29.19
CA ARG A 136 35.04 0.98 -29.56
C ARG A 136 35.37 2.08 -28.54
N PHE A 137 34.35 2.65 -27.89
CA PHE A 137 34.55 3.75 -26.94
C PHE A 137 35.10 3.25 -25.60
N LEU A 138 34.58 2.12 -25.10
CA LEU A 138 35.11 1.49 -23.88
C LEU A 138 36.59 1.08 -24.03
N ALA A 139 36.88 0.38 -25.12
CA ALA A 139 38.25 0.08 -25.56
C ALA A 139 39.14 1.34 -25.66
N GLN A 140 38.74 2.33 -26.45
CA GLN A 140 39.61 3.48 -26.66
C GLN A 140 39.73 4.33 -25.40
N VAL A 141 38.62 4.64 -24.75
CA VAL A 141 38.66 5.60 -23.63
C VAL A 141 39.12 4.96 -22.33
N GLU A 142 38.53 3.82 -21.99
CA GLU A 142 38.86 3.13 -20.75
C GLU A 142 40.01 2.13 -20.82
N GLY A 143 40.55 1.88 -22.01
CA GLY A 143 41.56 0.84 -22.19
C GLY A 143 41.00 -0.58 -22.07
N ALA A 144 39.69 -0.74 -22.22
CA ALA A 144 39.03 -2.02 -21.89
C ALA A 144 39.17 -3.07 -22.98
N VAL A 145 39.23 -4.34 -22.56
CA VAL A 145 39.00 -5.44 -23.52
C VAL A 145 37.53 -5.82 -23.41
N LEU A 146 36.83 -5.75 -24.53
CA LEU A 146 35.40 -5.97 -24.57
C LEU A 146 35.03 -7.10 -25.54
N VAL A 147 34.22 -8.02 -25.05
CA VAL A 147 33.84 -9.19 -25.79
C VAL A 147 32.33 -9.21 -25.75
N SER A 148 31.73 -9.55 -26.88
CA SER A 148 30.31 -9.79 -26.94
C SER A 148 30.11 -10.96 -27.87
N MET A 149 29.17 -11.84 -27.56
CA MET A 149 28.89 -13.03 -28.34
C MET A 149 27.44 -13.05 -28.83
N ASN A 150 27.23 -13.61 -30.01
CA ASN A 150 25.90 -14.02 -30.44
C ASN A 150 25.55 -15.31 -29.70
N TYR A 151 24.32 -15.38 -29.22
CA TYR A 151 23.76 -16.65 -28.75
C TYR A 151 22.39 -16.89 -29.41
N ARG A 152 22.04 -18.18 -29.51
CA ARG A 152 20.79 -18.56 -30.13
C ARG A 152 19.63 -18.07 -29.29
N VAL A 153 18.54 -17.69 -29.95
CA VAL A 153 17.36 -17.16 -29.30
C VAL A 153 16.10 -17.85 -29.83
N GLY A 154 14.96 -17.67 -29.14
CA GLY A 154 13.69 -18.17 -29.67
C GLY A 154 13.68 -19.68 -29.57
N THR A 155 12.94 -20.34 -30.48
CA THR A 155 12.88 -21.79 -30.50
C THR A 155 14.29 -22.34 -30.66
N PHE A 156 15.12 -21.66 -31.46
CA PHE A 156 16.46 -22.22 -31.76
C PHE A 156 17.31 -22.29 -30.52
N GLY A 157 17.09 -21.36 -29.60
CA GLY A 157 17.94 -21.31 -28.41
C GLY A 157 17.30 -21.95 -27.18
N PHE A 158 15.95 -22.05 -27.15
CA PHE A 158 15.24 -22.34 -25.91
C PHE A 158 14.09 -23.34 -25.94
N LEU A 159 13.57 -23.69 -27.12
CA LEU A 159 12.62 -24.81 -27.23
C LEU A 159 13.18 -26.03 -26.54
N ALA A 160 12.45 -26.55 -25.56
CA ALA A 160 12.90 -27.66 -24.73
C ALA A 160 11.87 -28.78 -24.64
N LEU A 161 12.32 -30.02 -24.77
CA LEU A 161 11.55 -31.14 -24.28
C LEU A 161 12.34 -31.70 -23.09
N PRO A 162 12.12 -31.11 -21.89
CA PRO A 162 12.98 -31.42 -20.75
C PRO A 162 13.10 -32.95 -20.52
N GLY A 163 14.32 -33.45 -20.43
CA GLY A 163 14.56 -34.89 -20.27
C GLY A 163 15.03 -35.55 -21.55
N SER A 164 14.71 -34.95 -22.69
CA SER A 164 15.09 -35.50 -23.98
C SER A 164 16.58 -35.30 -24.27
N ARG A 165 17.08 -36.16 -25.15
CA ARG A 165 18.47 -36.09 -25.57
C ARG A 165 18.56 -35.06 -26.69
N GLU A 166 17.49 -34.97 -27.48
CA GLU A 166 17.48 -34.16 -28.71
C GLU A 166 17.09 -32.69 -28.55
N ALA A 167 16.57 -32.30 -27.39
CA ALA A 167 16.20 -30.88 -27.13
C ALA A 167 16.16 -30.65 -25.64
N PRO A 168 17.34 -30.54 -25.02
CA PRO A 168 17.36 -30.56 -23.55
C PRO A 168 17.04 -29.19 -22.96
N GLY A 169 17.09 -28.13 -23.78
CA GLY A 169 16.72 -26.77 -23.35
C GLY A 169 17.89 -25.96 -22.86
N ASN A 170 17.71 -24.65 -22.71
CA ASN A 170 18.81 -23.80 -22.23
C ASN A 170 20.05 -23.71 -23.14
N VAL A 171 20.02 -24.24 -24.36
CA VAL A 171 21.25 -24.31 -25.18
C VAL A 171 21.74 -22.92 -25.57
N GLY A 172 20.82 -21.96 -25.59
CA GLY A 172 21.22 -20.57 -25.80
C GLY A 172 22.14 -20.06 -24.70
N LEU A 173 21.97 -20.61 -23.50
CA LEU A 173 22.78 -20.26 -22.34
C LEU A 173 24.11 -21.00 -22.41
N LEU A 174 24.05 -22.14 -23.08
CA LEU A 174 25.22 -22.96 -23.28
C LEU A 174 26.13 -22.33 -24.33
N ASP A 175 25.55 -21.69 -25.35
CA ASP A 175 26.31 -20.86 -26.31
C ASP A 175 27.08 -19.78 -25.53
N GLN A 176 26.37 -19.07 -24.65
CA GLN A 176 26.99 -18.01 -23.85
C GLN A 176 28.15 -18.55 -23.05
N ARG A 177 27.94 -19.69 -22.39
CA ARG A 177 28.98 -20.31 -21.53
C ARG A 177 30.20 -20.75 -22.37
N LEU A 178 29.94 -21.35 -23.55
CA LEU A 178 31.01 -21.69 -24.49
C LEU A 178 31.87 -20.48 -24.87
N ALA A 179 31.22 -19.35 -25.17
CA ALA A 179 31.93 -18.07 -25.38
C ALA A 179 32.68 -17.59 -24.14
N LEU A 180 32.20 -17.89 -22.93
CA LEU A 180 32.95 -17.55 -21.72
C LEU A 180 34.19 -18.44 -21.57
N GLN A 181 34.07 -19.71 -21.98
CA GLN A 181 35.21 -20.65 -22.02
C GLN A 181 36.25 -20.24 -23.07
N TRP A 182 35.76 -19.87 -24.26
CA TRP A 182 36.61 -19.29 -25.30
C TRP A 182 37.41 -18.10 -24.78
N VAL A 183 36.82 -17.30 -23.92
CA VAL A 183 37.55 -16.13 -23.40
C VAL A 183 38.66 -16.57 -22.44
N GLN A 184 38.37 -17.54 -21.58
CA GLN A 184 39.41 -18.06 -20.66
C GLN A 184 40.63 -18.56 -21.41
N GLU A 185 40.41 -19.31 -22.47
CA GLU A 185 41.52 -19.93 -23.19
C GLU A 185 42.28 -18.98 -24.09
N ASN A 186 41.56 -18.02 -24.70
CA ASN A 186 42.09 -17.22 -25.83
C ASN A 186 42.28 -15.72 -25.58
N ILE A 187 41.60 -15.15 -24.60
CA ILE A 187 41.67 -13.68 -24.41
C ILE A 187 43.08 -13.10 -24.09
N ALA A 188 43.96 -13.91 -23.52
CA ALA A 188 45.31 -13.45 -23.27
C ALA A 188 46.05 -13.01 -24.56
N ALA A 189 45.72 -13.64 -25.68
CA ALA A 189 46.28 -13.33 -27.00
C ALA A 189 46.05 -11.89 -27.42
N PHE A 190 45.05 -11.24 -26.82
CA PHE A 190 44.65 -9.88 -27.17
C PHE A 190 45.09 -8.86 -26.12
N GLY A 191 45.75 -9.31 -25.06
CA GLY A 191 46.07 -8.45 -23.95
C GLY A 191 45.04 -8.51 -22.84
N GLY A 192 44.02 -9.35 -22.98
CA GLY A 192 43.00 -9.49 -21.93
C GLY A 192 43.40 -10.39 -20.77
N ASP A 193 42.92 -10.04 -19.58
CA ASP A 193 43.20 -10.76 -18.34
C ASP A 193 42.07 -11.75 -18.05
N PRO A 194 42.35 -13.06 -18.24
CA PRO A 194 41.31 -14.07 -18.00
C PRO A 194 41.00 -14.25 -16.51
N MET A 195 41.83 -13.68 -15.64
CA MET A 195 41.62 -13.74 -14.20
C MET A 195 40.93 -12.50 -13.67
N SER A 196 40.43 -11.68 -14.61
CA SER A 196 39.59 -10.55 -14.26
C SER A 196 38.59 -10.32 -15.38
N VAL A 197 37.50 -11.10 -15.31
CA VAL A 197 36.39 -11.10 -16.27
C VAL A 197 35.07 -10.67 -15.61
N THR A 198 34.38 -9.73 -16.24
CA THR A 198 33.13 -9.14 -15.70
C THR A 198 32.05 -9.31 -16.74
N LEU A 199 30.94 -9.96 -16.36
CA LEU A 199 29.78 -10.07 -17.26
C LEU A 199 28.89 -8.82 -17.08
N PHE A 200 28.33 -8.31 -18.17
CA PHE A 200 27.26 -7.33 -18.05
C PHE A 200 26.27 -7.61 -19.15
N GLY A 201 25.00 -7.30 -18.90
CA GLY A 201 23.96 -7.44 -19.93
C GLY A 201 22.74 -6.68 -19.45
N GLU A 202 21.83 -6.43 -20.36
CA GLU A 202 20.66 -5.73 -20.04
C GLU A 202 19.46 -6.58 -20.43
N SER A 203 18.40 -6.48 -19.62
CA SER A 203 17.16 -7.21 -19.80
C SER A 203 17.37 -8.71 -19.79
N ALA A 204 17.05 -9.43 -20.86
CA ALA A 204 17.31 -10.88 -20.92
C ALA A 204 18.81 -11.20 -20.79
N GLY A 205 19.65 -10.24 -21.17
CA GLY A 205 21.08 -10.40 -21.06
C GLY A 205 21.46 -10.39 -19.60
N ALA A 206 20.82 -9.52 -18.82
CA ALA A 206 21.04 -9.43 -17.36
C ALA A 206 20.50 -10.67 -16.67
N ALA A 207 19.37 -11.19 -17.17
CA ALA A 207 18.86 -12.46 -16.66
C ALA A 207 19.90 -13.53 -16.91
N SER A 208 20.36 -13.62 -18.16
CA SER A 208 21.48 -14.51 -18.56
C SER A 208 22.65 -14.38 -17.58
N VAL A 209 23.16 -13.16 -17.38
CA VAL A 209 24.22 -12.90 -16.40
C VAL A 209 23.88 -13.55 -15.06
N GLY A 210 22.65 -13.34 -14.59
CA GLY A 210 22.19 -13.84 -13.30
C GLY A 210 22.15 -15.36 -13.24
N MET A 211 21.85 -15.98 -14.37
CA MET A 211 21.84 -17.44 -14.44
C MET A 211 23.21 -18.09 -14.49
N HIS A 212 24.22 -17.35 -14.96
CA HIS A 212 25.61 -17.82 -14.84
C HIS A 212 26.07 -17.74 -13.39
N ILE A 213 25.61 -16.73 -12.66
CA ILE A 213 25.86 -16.65 -11.21
C ILE A 213 25.22 -17.84 -10.49
N LEU A 214 24.05 -18.26 -10.96
CA LEU A 214 23.33 -19.33 -10.27
C LEU A 214 23.75 -20.69 -10.75
N SER A 215 24.51 -20.75 -11.85
CA SER A 215 24.89 -22.03 -12.43
C SER A 215 26.33 -22.38 -12.21
N LEU A 216 26.56 -23.48 -11.49
CA LEU A 216 27.87 -23.85 -10.98
C LEU A 216 28.99 -23.89 -12.03
N PRO A 217 28.80 -24.63 -13.15
CA PRO A 217 29.88 -24.72 -14.14
C PRO A 217 30.29 -23.39 -14.78
N SER A 218 29.50 -22.34 -14.59
CA SER A 218 29.79 -20.99 -15.12
C SER A 218 30.63 -20.19 -14.15
N ARG A 219 30.68 -20.63 -12.90
CA ARG A 219 31.21 -19.80 -11.83
C ARG A 219 32.71 -19.56 -11.98
N SER A 220 33.40 -20.56 -12.53
CA SER A 220 34.84 -20.53 -12.75
C SER A 220 35.26 -19.69 -13.96
N LEU A 221 34.30 -19.07 -14.63
CA LEU A 221 34.52 -18.42 -15.91
C LEU A 221 34.41 -16.91 -15.88
N PHE A 222 34.13 -16.34 -14.71
CA PHE A 222 33.92 -14.88 -14.56
C PHE A 222 34.07 -14.55 -13.09
N HIS A 223 34.19 -13.25 -12.76
CA HIS A 223 34.56 -12.83 -11.40
C HIS A 223 33.57 -11.83 -10.77
N ARG A 224 32.94 -11.02 -11.61
CA ARG A 224 32.04 -9.98 -11.15
C ARG A 224 30.92 -9.90 -12.17
N ALA A 225 29.80 -9.25 -11.82
CA ALA A 225 28.63 -9.20 -12.70
C ALA A 225 27.88 -7.87 -12.62
N VAL A 226 27.37 -7.41 -13.77
CA VAL A 226 26.45 -6.30 -13.85
C VAL A 226 25.10 -6.75 -14.44
N LEU A 227 24.02 -6.54 -13.69
CA LEU A 227 22.67 -6.87 -14.19
C LEU A 227 21.86 -5.59 -14.35
N GLN A 228 21.57 -5.23 -15.61
CA GLN A 228 20.92 -3.97 -15.97
C GLN A 228 19.49 -4.26 -16.38
N SER A 229 18.52 -3.84 -15.56
CA SER A 229 17.10 -4.00 -15.91
C SER A 229 16.70 -5.43 -16.22
N GLY A 230 17.18 -6.37 -15.41
CA GLY A 230 16.86 -7.79 -15.57
C GLY A 230 17.48 -8.63 -14.48
N THR A 231 16.87 -9.79 -14.24
CA THR A 231 17.23 -10.70 -13.13
C THR A 231 16.85 -12.13 -13.54
N PRO A 232 17.51 -13.16 -12.95
CA PRO A 232 17.03 -14.53 -13.30
C PRO A 232 15.73 -14.93 -12.60
N ASN A 233 15.48 -14.33 -11.43
CA ASN A 233 14.23 -14.47 -10.72
C ASN A 233 13.20 -13.54 -11.34
N GLY A 234 11.95 -13.60 -10.89
CA GLY A 234 10.89 -12.85 -11.54
C GLY A 234 10.03 -13.69 -12.47
N PRO A 235 8.97 -13.08 -13.03
CA PRO A 235 7.91 -13.84 -13.69
C PRO A 235 8.12 -14.22 -15.17
N TRP A 236 9.11 -13.60 -15.82
CA TRP A 236 9.34 -13.80 -17.25
C TRP A 236 10.63 -14.55 -17.64
N ALA A 237 11.63 -14.64 -16.75
CA ALA A 237 12.97 -15.08 -17.20
C ALA A 237 13.18 -16.59 -17.29
N THR A 238 12.30 -17.36 -16.64
CA THR A 238 12.30 -18.82 -16.76
C THR A 238 10.88 -19.37 -16.85
N VAL A 239 10.77 -20.63 -17.25
CA VAL A 239 9.54 -21.39 -17.20
C VAL A 239 9.86 -22.74 -16.55
N SER A 240 8.84 -23.39 -15.99
CA SER A 240 8.98 -24.74 -15.45
C SER A 240 9.24 -25.74 -16.57
N ALA A 241 9.66 -26.96 -16.21
CA ALA A 241 9.88 -27.98 -17.21
C ALA A 241 8.55 -28.32 -17.89
N GLY A 242 7.49 -28.41 -17.10
CA GLY A 242 6.16 -28.77 -17.61
C GLY A 242 5.65 -27.75 -18.59
N GLU A 243 5.89 -26.48 -18.30
CA GLU A 243 5.42 -25.42 -19.18
C GLU A 243 6.22 -25.35 -20.49
N ALA A 244 7.55 -25.45 -20.41
CA ALA A 244 8.40 -25.63 -21.61
C ALA A 244 7.92 -26.81 -22.48
N ARG A 245 7.70 -27.97 -21.89
CA ARG A 245 7.24 -29.12 -22.63
C ARG A 245 5.92 -28.78 -23.32
N ARG A 246 5.04 -28.09 -22.61
CA ARG A 246 3.74 -27.75 -23.15
C ARG A 246 3.83 -26.81 -24.37
N ARG A 247 4.68 -25.77 -24.24
CA ARG A 247 4.91 -24.80 -25.32
C ARG A 247 5.61 -25.43 -26.52
N ALA A 248 6.53 -26.35 -26.28
CA ALA A 248 7.27 -27.00 -27.35
C ALA A 248 6.38 -27.94 -28.15
N THR A 249 5.46 -28.61 -27.49
CA THR A 249 4.64 -29.57 -28.19
C THR A 249 3.48 -28.90 -28.92
N LEU A 250 3.04 -27.75 -28.42
CA LEU A 250 2.08 -26.92 -29.14
C LEU A 250 2.71 -26.37 -30.41
N LEU A 251 3.86 -25.69 -30.27
CA LEU A 251 4.54 -25.15 -31.46
C LEU A 251 4.66 -26.26 -32.48
N ALA A 252 5.12 -27.42 -32.05
CA ALA A 252 5.23 -28.59 -32.90
C ALA A 252 3.92 -28.87 -33.62
N ARG A 253 2.81 -28.98 -32.89
CA ARG A 253 1.48 -29.16 -33.49
C ARG A 253 1.21 -28.13 -34.58
N LEU A 254 1.40 -26.85 -34.25
CA LEU A 254 1.20 -25.73 -35.17
C LEU A 254 1.95 -25.82 -36.48
N VAL A 255 3.17 -26.35 -36.46
CA VAL A 255 3.94 -26.57 -37.68
C VAL A 255 3.81 -28.04 -38.14
N GLY A 256 2.87 -28.77 -37.55
CA GLY A 256 2.50 -30.11 -38.02
C GLY A 256 3.40 -31.26 -37.65
N CYS A 257 3.91 -31.31 -36.41
CA CYS A 257 4.91 -32.33 -36.03
C CYS A 257 4.49 -33.56 -35.17
N ASN A 265 6.58 -40.19 -28.00
CA ASN A 265 8.02 -40.26 -28.29
C ASN A 265 8.57 -38.87 -28.70
N ASP A 266 9.59 -38.40 -27.98
CA ASP A 266 10.18 -37.07 -28.19
C ASP A 266 11.12 -36.97 -29.41
N THR A 267 11.75 -38.09 -29.77
CA THR A 267 12.71 -38.13 -30.88
C THR A 267 12.04 -37.75 -32.19
N GLU A 268 10.88 -38.35 -32.45
CA GLU A 268 10.05 -38.12 -33.64
C GLU A 268 9.60 -36.66 -33.78
N LEU A 269 9.08 -36.10 -32.69
CA LEU A 269 8.65 -34.73 -32.64
C LEU A 269 9.78 -33.80 -33.08
N ILE A 270 10.97 -33.98 -32.50
CA ILE A 270 12.11 -33.08 -32.73
C ILE A 270 12.71 -33.30 -34.12
N ALA A 271 12.79 -34.56 -34.54
CA ALA A 271 13.26 -34.87 -35.89
C ALA A 271 12.40 -34.15 -36.93
N CYS A 272 11.14 -33.95 -36.63
CA CYS A 272 10.24 -33.27 -37.53
C CYS A 272 10.45 -31.75 -37.40
N LEU A 273 10.70 -31.24 -36.20
CA LEU A 273 11.00 -29.81 -36.07
C LEU A 273 12.28 -29.44 -36.82
N ARG A 274 13.25 -30.36 -36.84
CA ARG A 274 14.51 -30.12 -37.53
C ARG A 274 14.35 -30.08 -39.05
N THR A 275 13.30 -30.69 -39.57
CA THR A 275 13.00 -30.60 -41.01
C THR A 275 12.29 -29.31 -41.40
N ARG A 276 11.97 -28.46 -40.42
CA ARG A 276 11.19 -27.25 -40.68
C ARG A 276 12.07 -26.03 -40.95
N PRO A 277 11.71 -25.24 -41.98
CA PRO A 277 12.40 -23.99 -42.26
C PRO A 277 12.44 -23.11 -41.04
N ALA A 278 13.56 -22.41 -40.85
CA ALA A 278 13.65 -21.48 -39.72
C ALA A 278 12.45 -20.55 -39.68
N GLN A 279 12.04 -20.00 -40.82
CA GLN A 279 11.02 -18.94 -40.77
C GLN A 279 9.70 -19.47 -40.24
N ASP A 280 9.37 -20.74 -40.58
CA ASP A 280 8.20 -21.45 -40.06
C ASP A 280 8.10 -21.47 -38.53
N LEU A 281 9.23 -21.72 -37.87
CA LEU A 281 9.23 -21.78 -36.43
C LEU A 281 8.98 -20.38 -35.94
N VAL A 282 9.68 -19.41 -36.52
CA VAL A 282 9.54 -18.01 -36.07
C VAL A 282 8.10 -17.54 -36.23
N ASP A 283 7.46 -17.98 -37.33
CA ASP A 283 6.10 -17.56 -37.68
C ASP A 283 5.06 -18.03 -36.66
N HIS A 284 5.40 -19.05 -35.88
CA HIS A 284 4.46 -19.58 -34.89
C HIS A 284 4.91 -19.44 -33.45
N GLU A 285 6.13 -18.98 -33.21
CA GLU A 285 6.62 -18.97 -31.82
C GLU A 285 5.76 -18.16 -30.85
N TRP A 286 5.19 -17.05 -31.30
CA TRP A 286 4.38 -16.22 -30.39
C TRP A 286 3.00 -16.79 -30.12
N HIS A 287 2.61 -17.80 -30.89
CA HIS A 287 1.31 -18.41 -30.79
C HIS A 287 1.13 -19.36 -29.62
N VAL A 288 2.14 -19.50 -28.76
CA VAL A 288 2.13 -20.55 -27.73
C VAL A 288 2.05 -20.07 -26.27
N LEU A 289 1.98 -18.74 -26.06
CA LEU A 289 1.82 -18.16 -24.71
C LEU A 289 0.45 -18.47 -24.12
N PRO A 290 0.40 -18.81 -22.80
CA PRO A 290 -0.87 -19.28 -22.21
C PRO A 290 -1.97 -18.20 -22.10
N GLN A 291 -1.58 -16.95 -21.87
CA GLN A 291 -2.56 -15.84 -21.88
C GLN A 291 -2.10 -14.71 -22.78
N GLU A 292 -3.05 -13.91 -23.23
CA GLU A 292 -2.77 -12.59 -23.77
C GLU A 292 -1.96 -11.81 -22.75
N SER A 293 -0.76 -11.37 -23.12
CA SER A 293 0.18 -10.85 -22.16
C SER A 293 1.20 -9.95 -22.80
N ILE A 294 1.87 -9.11 -21.98
CA ILE A 294 3.05 -8.35 -22.37
C ILE A 294 4.18 -8.67 -21.35
N PHE A 295 5.44 -8.56 -21.77
CA PHE A 295 6.62 -8.94 -20.97
C PHE A 295 6.60 -10.42 -20.62
N ARG A 296 5.99 -11.21 -21.50
CA ARG A 296 6.13 -12.65 -21.47
C ARG A 296 6.72 -13.05 -22.81
N PHE A 297 7.63 -14.03 -22.78
CA PHE A 297 8.29 -14.48 -24.00
C PHE A 297 8.15 -16.02 -24.07
N SER A 298 7.88 -16.55 -25.26
CA SER A 298 7.54 -17.96 -25.43
C SER A 298 8.62 -18.96 -25.03
N PHE A 299 9.82 -18.78 -25.56
CA PHE A 299 10.93 -19.71 -25.37
C PHE A 299 12.06 -19.04 -24.65
N VAL A 300 12.24 -19.45 -23.39
CA VAL A 300 13.16 -18.83 -22.41
C VAL A 300 13.84 -19.94 -21.60
N PRO A 301 14.88 -19.60 -20.78
CA PRO A 301 15.46 -20.64 -19.92
C PRO A 301 14.42 -21.44 -19.15
N VAL A 302 14.67 -22.75 -19.07
CA VAL A 302 13.81 -23.69 -18.39
C VAL A 302 14.50 -24.20 -17.10
N VAL A 303 13.73 -24.34 -16.02
CA VAL A 303 14.24 -24.95 -14.82
C VAL A 303 14.29 -26.47 -15.09
N ASP A 304 15.45 -26.89 -15.57
CA ASP A 304 15.71 -28.25 -16.06
C ASP A 304 16.24 -29.21 -15.01
N GLY A 305 16.66 -28.68 -13.86
CA GLY A 305 17.40 -29.44 -12.86
C GLY A 305 18.83 -29.79 -13.28
N ASP A 306 19.40 -29.01 -14.22
CA ASP A 306 20.76 -29.21 -14.73
C ASP A 306 21.50 -27.85 -14.79
N PHE A 307 21.29 -27.06 -15.86
CA PHE A 307 21.81 -25.69 -15.88
C PHE A 307 21.26 -24.94 -14.65
N LEU A 308 19.96 -25.08 -14.41
CA LEU A 308 19.35 -24.55 -13.20
C LEU A 308 18.88 -25.70 -12.36
N SER A 309 19.57 -25.97 -11.26
CA SER A 309 19.24 -27.09 -10.39
C SER A 309 17.87 -26.92 -9.69
N ASP A 310 17.34 -25.70 -9.75
CA ASP A 310 16.09 -25.31 -9.09
C ASP A 310 15.69 -23.92 -9.58
N THR A 311 14.53 -23.44 -9.15
CA THR A 311 14.05 -22.13 -9.54
C THR A 311 15.09 -21.11 -9.11
N PRO A 312 15.29 -20.05 -9.93
CA PRO A 312 16.10 -18.92 -9.46
C PRO A 312 15.76 -18.42 -8.05
N GLU A 313 14.47 -18.43 -7.68
CA GLU A 313 14.01 -17.99 -6.35
C GLU A 313 14.59 -18.88 -5.25
N ALA A 314 14.61 -20.18 -5.47
CA ALA A 314 15.10 -21.11 -4.49
C ALA A 314 16.61 -20.94 -4.35
N LEU A 315 17.28 -20.73 -5.47
CA LEU A 315 18.75 -20.61 -5.51
C LEU A 315 19.26 -19.28 -4.93
N ILE A 316 18.59 -18.16 -5.21
CA ILE A 316 18.99 -16.91 -4.57
C ILE A 316 18.72 -16.91 -3.06
N ASN A 317 17.61 -17.53 -2.63
CA ASN A 317 17.25 -17.56 -1.21
C ASN A 317 18.19 -18.42 -0.37
N THR A 318 18.79 -19.44 -0.97
CA THR A 318 19.61 -20.40 -0.22
C THR A 318 21.09 -20.42 -0.66
N GLY A 319 21.43 -19.67 -1.70
CA GLY A 319 22.79 -19.62 -2.20
C GLY A 319 23.80 -18.91 -1.31
N ASP A 320 25.08 -19.22 -1.55
CA ASP A 320 26.20 -18.58 -0.89
C ASP A 320 26.96 -17.77 -1.96
N PHE A 321 27.02 -16.46 -1.81
CA PHE A 321 27.64 -15.61 -2.83
C PHE A 321 28.85 -14.83 -2.31
N GLN A 322 29.57 -15.48 -1.39
CA GLN A 322 30.81 -15.06 -0.76
C GLN A 322 31.73 -14.22 -1.68
N ASP A 323 32.36 -14.87 -2.66
CA ASP A 323 33.48 -14.26 -3.37
C ASP A 323 33.02 -13.50 -4.62
N LEU A 324 31.95 -12.70 -4.48
CA LEU A 324 31.29 -12.07 -5.65
C LEU A 324 30.90 -10.60 -5.44
N GLN A 325 31.09 -9.78 -6.48
CA GLN A 325 30.64 -8.39 -6.47
C GLN A 325 29.67 -8.17 -7.62
N VAL A 326 28.54 -7.53 -7.32
CA VAL A 326 27.49 -7.33 -8.30
C VAL A 326 27.07 -5.85 -8.34
N LEU A 327 26.89 -5.33 -9.54
CA LEU A 327 26.25 -4.07 -9.80
C LEU A 327 24.87 -4.34 -10.46
N VAL A 328 23.82 -3.69 -9.94
CA VAL A 328 22.46 -3.93 -10.41
C VAL A 328 21.74 -2.61 -10.41
N GLY A 329 20.76 -2.48 -11.30
CA GLY A 329 20.00 -1.26 -11.37
C GLY A 329 18.89 -1.33 -12.39
N VAL A 330 18.19 -0.22 -12.53
CA VAL A 330 16.93 -0.12 -13.29
C VAL A 330 16.86 1.28 -13.92
N VAL A 331 16.02 1.45 -14.94
CA VAL A 331 15.81 2.78 -15.54
C VAL A 331 14.55 3.33 -14.92
N LYS A 332 14.34 4.63 -15.09
CA LYS A 332 13.24 5.31 -14.45
C LYS A 332 11.87 4.77 -14.87
N ASP A 333 11.74 4.33 -16.14
CA ASP A 333 10.42 3.87 -16.68
C ASP A 333 10.47 2.51 -17.39
N GLU A 334 10.68 1.48 -16.60
CA GLU A 334 10.84 0.14 -17.13
C GLU A 334 9.68 -0.35 -18.00
N GLY A 335 8.44 -0.03 -17.62
CA GLY A 335 7.26 -0.62 -18.25
C GLY A 335 6.65 0.06 -19.47
N SER A 336 6.94 1.34 -19.70
CA SER A 336 6.25 2.12 -20.73
C SER A 336 6.38 1.50 -22.12
N TYR A 337 7.59 1.09 -22.45
CA TYR A 337 7.91 0.46 -23.74
C TYR A 337 6.97 -0.74 -24.01
N PHE A 338 6.68 -1.52 -22.96
CA PHE A 338 5.90 -2.74 -23.12
C PHE A 338 4.41 -2.52 -23.37
N LEU A 339 3.93 -1.33 -23.00
CA LEU A 339 2.51 -1.01 -23.08
C LEU A 339 2.02 -0.92 -24.50
N VAL A 340 2.82 -0.27 -25.35
CA VAL A 340 2.45 0.00 -26.73
C VAL A 340 2.41 -1.27 -27.59
N TYR A 341 2.87 -2.39 -27.07
CA TYR A 341 2.81 -3.63 -27.84
C TYR A 341 1.67 -4.58 -27.43
N GLY A 342 0.65 -4.10 -26.73
CA GLY A 342 -0.31 -5.06 -26.20
C GLY A 342 -1.41 -4.56 -25.29
N VAL A 343 -1.27 -3.36 -24.74
CA VAL A 343 -2.35 -2.79 -23.93
C VAL A 343 -3.22 -1.80 -24.73
N PRO A 344 -4.49 -2.17 -24.99
CA PRO A 344 -5.32 -1.21 -25.73
C PRO A 344 -5.33 0.17 -25.06
N GLY A 345 -5.25 1.24 -25.87
CA GLY A 345 -5.26 2.60 -25.35
C GLY A 345 -3.90 3.25 -25.30
N PHE A 346 -2.83 2.47 -25.44
CA PHE A 346 -1.44 2.94 -25.48
C PHE A 346 -0.82 2.95 -26.89
N SER A 347 -0.21 4.08 -27.25
CA SER A 347 0.47 4.28 -28.55
C SER A 347 1.66 5.23 -28.40
N LYS A 348 2.67 5.06 -29.26
CA LYS A 348 3.78 5.98 -29.35
C LYS A 348 3.39 7.31 -29.96
N ASP A 349 2.24 7.34 -30.66
CA ASP A 349 1.81 8.49 -31.50
C ASP A 349 0.81 9.46 -30.84
N ASN A 350 0.41 9.16 -29.59
CA ASN A 350 -0.37 10.08 -28.78
C ASN A 350 0.03 9.92 -27.31
N GLU A 351 -0.59 10.72 -26.43
CA GLU A 351 -0.30 10.80 -24.99
C GLU A 351 -0.74 9.61 -24.17
N SER A 352 -1.51 8.72 -24.80
CA SER A 352 -1.95 7.45 -24.19
C SER A 352 -2.69 7.62 -22.85
N LEU A 353 -3.44 8.70 -22.72
CA LEU A 353 -4.32 8.89 -21.57
C LEU A 353 -5.43 7.84 -21.62
N ILE A 354 -5.51 7.02 -20.59
CA ILE A 354 -6.48 5.93 -20.59
C ILE A 354 -7.60 6.10 -19.55
N SER A 355 -8.71 5.43 -19.80
CA SER A 355 -9.84 5.33 -18.88
C SER A 355 -9.53 4.31 -17.79
N ARG A 356 -10.28 4.39 -16.69
CA ARG A 356 -10.21 3.39 -15.62
C ARG A 356 -10.47 1.95 -16.09
N ALA A 357 -11.39 1.77 -17.04
CA ALA A 357 -11.67 0.45 -17.62
C ALA A 357 -10.47 -0.09 -18.38
N GLN A 358 -9.86 0.77 -19.18
CA GLN A 358 -8.64 0.42 -19.91
C GLN A 358 -7.48 0.08 -18.97
N PHE A 359 -7.42 0.74 -17.82
CA PHE A 359 -6.49 0.35 -16.75
C PHE A 359 -6.70 -1.08 -16.24
N LEU A 360 -7.90 -1.41 -15.77
CA LEU A 360 -8.17 -2.76 -15.26
C LEU A 360 -7.89 -3.86 -16.27
N ALA A 361 -8.27 -3.64 -17.53
CA ALA A 361 -7.96 -4.58 -18.63
C ALA A 361 -6.48 -4.71 -18.88
N GLY A 362 -5.75 -3.59 -18.75
CA GLY A 362 -4.30 -3.59 -18.92
C GLY A 362 -3.56 -4.37 -17.83
N VAL A 363 -4.10 -4.33 -16.61
CA VAL A 363 -3.53 -5.03 -15.47
C VAL A 363 -3.64 -6.55 -15.70
N ARG A 364 -4.73 -7.01 -16.30
CA ARG A 364 -4.91 -8.43 -16.62
C ARG A 364 -3.87 -8.90 -17.64
N ILE A 365 -3.47 -7.98 -18.52
CA ILE A 365 -2.53 -8.27 -19.59
C ILE A 365 -1.10 -8.17 -19.08
N GLY A 366 -0.84 -7.15 -18.28
CA GLY A 366 0.45 -6.99 -17.65
C GLY A 366 0.75 -7.94 -16.49
N VAL A 367 -0.28 -8.50 -15.88
CA VAL A 367 -0.09 -9.49 -14.82
C VAL A 367 -0.91 -10.72 -15.18
N PRO A 368 -0.60 -11.39 -16.33
CA PRO A 368 -1.43 -12.47 -16.88
C PRO A 368 -1.59 -13.69 -15.98
N GLN A 369 -0.72 -13.86 -15.00
CA GLN A 369 -0.75 -15.02 -14.12
C GLN A 369 -1.68 -14.76 -12.91
N ALA A 370 -2.18 -13.54 -12.79
CA ALA A 370 -3.01 -13.17 -11.65
C ALA A 370 -4.45 -13.69 -11.70
N SER A 371 -4.93 -14.17 -10.57
CA SER A 371 -6.35 -14.43 -10.39
C SER A 371 -7.08 -13.09 -10.35
N ASP A 372 -8.39 -13.14 -10.09
CA ASP A 372 -9.20 -11.95 -10.03
C ASP A 372 -8.96 -11.16 -8.74
N LEU A 373 -8.76 -11.89 -7.64
CA LEU A 373 -8.42 -11.26 -6.39
C LEU A 373 -7.07 -10.54 -6.50
N ALA A 374 -6.07 -11.21 -7.07
CA ALA A 374 -4.72 -10.62 -7.23
C ALA A 374 -4.68 -9.37 -8.12
N ALA A 375 -5.36 -9.44 -9.26
CA ALA A 375 -5.53 -8.29 -10.13
C ALA A 375 -6.19 -7.13 -9.38
N GLU A 376 -7.09 -7.46 -8.47
CA GLU A 376 -7.85 -6.46 -7.78
C GLU A 376 -6.95 -5.79 -6.73
N ALA A 377 -6.11 -6.57 -6.07
CA ALA A 377 -5.07 -6.06 -5.20
C ALA A 377 -4.15 -5.04 -5.91
N VAL A 378 -3.75 -5.38 -7.14
CA VAL A 378 -2.85 -4.56 -7.95
C VAL A 378 -3.53 -3.24 -8.26
N VAL A 379 -4.78 -3.31 -8.71
CA VAL A 379 -5.57 -2.15 -9.10
C VAL A 379 -5.80 -1.21 -7.90
N LEU A 380 -6.02 -1.80 -6.73
CA LEU A 380 -6.28 -1.05 -5.53
C LEU A 380 -5.04 -0.38 -4.96
N HIS A 381 -3.91 -1.07 -5.09
CA HIS A 381 -2.61 -0.54 -4.68
C HIS A 381 -2.14 0.60 -5.57
N TYR A 382 -2.28 0.43 -6.87
CA TYR A 382 -1.80 1.43 -7.83
C TYR A 382 -2.75 2.58 -8.09
N THR A 383 -4.05 2.44 -7.74
CA THR A 383 -5.01 3.52 -7.89
C THR A 383 -4.61 4.64 -6.95
N ASP A 384 -4.71 5.88 -7.42
CA ASP A 384 -4.67 7.02 -6.55
C ASP A 384 -6.10 7.31 -6.16
N TRP A 385 -6.48 7.08 -4.91
CA TRP A 385 -7.88 7.21 -4.51
C TRP A 385 -8.36 8.66 -4.30
N LEU A 386 -7.44 9.63 -4.37
CA LEU A 386 -7.85 11.03 -4.52
C LEU A 386 -8.36 11.32 -5.93
N HIS A 387 -7.75 10.68 -6.93
CA HIS A 387 -8.11 10.92 -8.33
C HIS A 387 -8.19 9.57 -9.05
N PRO A 388 -9.14 8.70 -8.65
CA PRO A 388 -9.17 7.31 -9.13
C PRO A 388 -9.40 7.15 -10.64
N GLU A 389 -9.92 8.19 -11.27
CA GLU A 389 -10.26 8.13 -12.69
C GLU A 389 -9.46 9.07 -13.60
N ASP A 390 -8.43 9.70 -13.05
CA ASP A 390 -7.56 10.61 -13.79
C ASP A 390 -6.71 9.86 -14.80
N PRO A 391 -6.87 10.19 -16.10
CA PRO A 391 -6.27 9.44 -17.21
C PRO A 391 -4.75 9.50 -17.27
N THR A 392 -4.15 10.59 -16.77
CA THR A 392 -2.69 10.70 -16.74
C THR A 392 -2.15 9.78 -15.65
N HIS A 393 -2.70 9.87 -14.43
CA HIS A 393 -2.30 8.95 -13.37
C HIS A 393 -2.47 7.49 -13.78
N LEU A 394 -3.61 7.14 -14.35
CA LEU A 394 -3.88 5.76 -14.75
C LEU A 394 -2.90 5.24 -15.81
N ARG A 395 -2.57 6.09 -16.79
CA ARG A 395 -1.50 5.80 -17.73
C ARG A 395 -0.16 5.51 -17.04
N ASP A 396 0.29 6.41 -16.16
CA ASP A 396 1.58 6.26 -15.48
C ASP A 396 1.59 5.11 -14.48
N ALA A 397 0.46 4.88 -13.83
CA ALA A 397 0.25 3.72 -12.96
C ALA A 397 0.37 2.41 -13.76
N MET A 398 -0.21 2.36 -14.95
CA MET A 398 -0.12 1.17 -15.78
C MET A 398 1.34 0.83 -16.13
N SER A 399 2.08 1.86 -16.51
CA SER A 399 3.48 1.70 -16.82
C SER A 399 4.21 1.15 -15.59
N ALA A 400 3.98 1.76 -14.43
CA ALA A 400 4.57 1.34 -13.15
C ALA A 400 4.28 -0.10 -12.72
N VAL A 401 3.04 -0.55 -12.95
CA VAL A 401 2.65 -1.91 -12.66
C VAL A 401 3.61 -2.86 -13.37
N VAL A 402 3.77 -2.63 -14.67
CA VAL A 402 4.57 -3.45 -15.56
C VAL A 402 6.07 -3.37 -15.26
N GLY A 403 6.54 -2.15 -15.05
CA GLY A 403 7.89 -1.90 -14.65
C GLY A 403 8.21 -2.57 -13.34
N ASP A 404 7.35 -2.37 -12.34
CA ASP A 404 7.60 -2.89 -10.98
C ASP A 404 7.54 -4.39 -10.93
N HIS A 405 6.53 -4.96 -11.59
CA HIS A 405 6.29 -6.38 -11.53
C HIS A 405 7.43 -7.14 -12.17
N ASN A 406 7.95 -6.64 -13.29
CA ASN A 406 8.90 -7.39 -14.11
C ASN A 406 10.35 -7.10 -13.90
N VAL A 407 10.65 -5.88 -13.45
CA VAL A 407 12.02 -5.40 -13.34
C VAL A 407 12.30 -4.89 -11.93
N VAL A 408 11.68 -3.78 -11.53
CA VAL A 408 12.14 -3.10 -10.31
C VAL A 408 12.09 -4.04 -9.09
N CYS A 409 11.01 -4.83 -8.96
CA CYS A 409 10.85 -5.60 -7.75
C CYS A 409 11.67 -6.90 -7.77
N PRO A 410 11.72 -7.59 -8.92
CA PRO A 410 12.76 -8.61 -9.08
C PRO A 410 14.18 -8.15 -8.77
N VAL A 411 14.60 -6.98 -9.26
CA VAL A 411 15.91 -6.41 -8.94
C VAL A 411 16.10 -6.21 -7.43
N ALA A 412 15.11 -5.64 -6.76
CA ALA A 412 15.21 -5.33 -5.33
C ALA A 412 15.29 -6.62 -4.49
N GLN A 413 14.48 -7.59 -4.89
CA GLN A 413 14.54 -8.92 -4.32
C GLN A 413 15.95 -9.55 -4.45
N LEU A 414 16.49 -9.53 -5.68
CA LEU A 414 17.86 -10.00 -5.95
C LEU A 414 18.92 -9.26 -5.10
N ALA A 415 18.97 -7.94 -5.17
CA ALA A 415 19.93 -7.15 -4.38
C ALA A 415 19.91 -7.52 -2.88
N GLY A 416 18.72 -7.60 -2.30
CA GLY A 416 18.56 -7.99 -0.90
C GLY A 416 19.08 -9.38 -0.57
N ARG A 417 18.71 -10.36 -1.39
CA ARG A 417 19.15 -11.74 -1.18
C ARG A 417 20.66 -11.85 -1.28
N LEU A 418 21.21 -11.32 -2.38
CA LEU A 418 22.65 -11.31 -2.63
C LEU A 418 23.44 -10.65 -1.50
N ALA A 419 23.02 -9.45 -1.09
CA ALA A 419 23.71 -8.69 -0.04
C ALA A 419 23.67 -9.39 1.33
N ALA A 420 22.54 -10.01 1.64
CA ALA A 420 22.33 -10.75 2.86
C ALA A 420 23.20 -12.00 2.92
N GLN A 421 23.71 -12.41 1.78
CA GLN A 421 24.35 -13.72 1.65
C GLN A 421 25.78 -13.69 1.08
N GLY A 422 26.49 -12.60 1.36
CA GLY A 422 27.93 -12.55 1.12
C GLY A 422 28.46 -11.64 0.02
N ALA A 423 27.66 -11.41 -1.01
CA ALA A 423 28.07 -10.59 -2.13
C ALA A 423 28.15 -9.11 -1.76
N ARG A 424 29.09 -8.41 -2.36
CA ARG A 424 29.09 -6.94 -2.38
C ARG A 424 28.20 -6.52 -3.51
N VAL A 425 27.24 -5.64 -3.22
CA VAL A 425 26.21 -5.23 -4.15
C VAL A 425 26.19 -3.72 -4.24
N TYR A 426 26.08 -3.18 -5.47
CA TYR A 426 25.89 -1.74 -5.70
C TYR A 426 24.67 -1.58 -6.58
N ALA A 427 23.84 -0.59 -6.24
CA ALA A 427 22.56 -0.42 -6.91
C ALA A 427 22.37 1.00 -7.39
N TYR A 428 21.69 1.14 -8.52
CA TYR A 428 21.46 2.44 -9.18
C TYR A 428 20.03 2.51 -9.75
N ILE A 429 19.54 3.73 -9.92
CA ILE A 429 18.41 4.01 -10.81
C ILE A 429 18.95 4.99 -11.87
N PHE A 430 18.75 4.65 -13.13
CA PHE A 430 19.14 5.50 -14.26
C PHE A 430 17.96 6.37 -14.68
N GLU A 431 18.12 7.68 -14.54
CA GLU A 431 17.03 8.62 -14.65
C GLU A 431 17.19 9.63 -15.78
N HIS A 432 18.24 9.51 -16.58
CA HIS A 432 18.42 10.43 -17.67
C HIS A 432 17.83 9.98 -19.02
N ARG A 433 17.02 10.85 -19.59
CA ARG A 433 16.40 10.63 -20.89
C ARG A 433 17.20 11.30 -22.01
N ALA A 434 17.67 10.48 -22.95
CA ALA A 434 18.51 10.94 -24.07
C ALA A 434 17.85 12.14 -24.73
N SER A 435 18.62 13.17 -25.07
CA SER A 435 18.06 14.30 -25.82
C SER A 435 17.69 13.86 -27.24
N THR A 436 18.10 12.65 -27.62
CA THR A 436 17.94 12.13 -28.98
C THR A 436 16.86 11.06 -29.08
N LEU A 437 16.20 10.75 -27.97
CA LEU A 437 15.16 9.71 -27.94
C LEU A 437 14.02 10.02 -28.92
N THR A 438 13.52 8.99 -29.60
CA THR A 438 12.48 9.16 -30.61
C THR A 438 11.12 8.74 -30.07
N TRP A 439 11.12 8.11 -28.88
CA TRP A 439 9.89 7.73 -28.20
C TRP A 439 9.29 8.99 -27.58
N PRO A 440 7.94 9.03 -27.39
CA PRO A 440 7.29 10.27 -26.90
C PRO A 440 7.67 10.51 -25.47
N LEU A 441 7.47 11.74 -25.01
CA LEU A 441 7.80 12.17 -23.66
C LEU A 441 7.16 11.36 -22.54
N TRP A 442 5.91 10.95 -22.75
CA TRP A 442 5.17 10.20 -21.75
C TRP A 442 5.92 8.94 -21.32
N MET A 443 6.75 8.38 -22.21
CA MET A 443 7.38 7.06 -21.92
C MET A 443 8.57 7.24 -21.02
N GLY A 444 8.91 8.50 -20.72
CA GLY A 444 9.97 8.83 -19.76
C GLY A 444 11.34 8.32 -20.20
N VAL A 445 11.92 7.41 -19.40
CA VAL A 445 13.23 6.82 -19.68
C VAL A 445 13.01 5.32 -19.83
N PRO A 446 12.74 4.85 -21.06
CA PRO A 446 12.34 3.47 -21.24
C PRO A 446 13.44 2.41 -21.08
N HIS A 447 12.99 1.18 -20.91
CA HIS A 447 13.79 -0.02 -20.88
C HIS A 447 14.75 -0.01 -22.10
N GLY A 448 16.05 -0.16 -21.80
CA GLY A 448 17.09 -0.21 -22.81
C GLY A 448 17.81 1.10 -23.11
N TYR A 449 17.25 2.23 -22.67
CA TYR A 449 17.78 3.53 -23.08
C TYR A 449 18.88 4.12 -22.17
N GLU A 450 19.47 3.25 -21.35
CA GLU A 450 20.72 3.55 -20.66
C GLU A 450 21.92 2.97 -21.41
N ILE A 451 21.68 1.92 -22.22
CA ILE A 451 22.76 1.16 -22.86
C ILE A 451 23.69 2.02 -23.73
N GLU A 452 23.15 2.94 -24.53
CA GLU A 452 23.98 3.85 -25.34
C GLU A 452 24.91 4.74 -24.49
N PHE A 453 24.53 4.97 -23.23
CA PHE A 453 25.35 5.78 -22.32
C PHE A 453 26.51 4.99 -21.69
N ILE A 454 26.26 3.80 -21.17
CA ILE A 454 27.30 2.89 -20.70
C ILE A 454 28.33 2.58 -21.80
N PHE A 455 27.86 2.38 -23.03
CA PHE A 455 28.74 2.04 -24.16
C PHE A 455 29.49 3.23 -24.77
N GLY A 456 29.19 4.44 -24.28
CA GLY A 456 29.92 5.64 -24.67
C GLY A 456 29.54 6.29 -26.00
N LEU A 457 28.44 5.85 -26.61
CA LEU A 457 27.96 6.48 -27.88
C LEU A 457 27.93 8.01 -27.92
N PRO A 458 27.45 8.70 -26.86
CA PRO A 458 27.50 10.18 -26.92
C PRO A 458 28.85 10.79 -27.29
N LEU A 459 29.92 10.00 -27.19
CA LEU A 459 31.27 10.45 -27.50
C LEU A 459 31.49 10.59 -28.98
N ASP A 460 30.66 9.93 -29.77
CA ASP A 460 30.73 10.02 -31.21
C ASP A 460 30.08 11.34 -31.60
N PRO A 461 30.89 12.31 -32.06
CA PRO A 461 30.33 13.65 -32.23
C PRO A 461 29.32 13.70 -33.38
N SER A 462 29.32 12.70 -34.24
CA SER A 462 28.34 12.64 -35.32
C SER A 462 26.93 12.17 -34.89
N LEU A 463 26.74 11.87 -33.60
CA LEU A 463 25.46 11.38 -33.11
C LEU A 463 24.52 12.42 -32.44
N ASN A 464 24.99 13.65 -32.25
CA ASN A 464 24.08 14.74 -31.82
C ASN A 464 23.66 14.80 -30.34
N TYR A 465 24.41 14.14 -29.45
CA TYR A 465 24.17 14.29 -28.02
C TYR A 465 24.69 15.64 -27.54
N THR A 466 24.20 16.11 -26.40
CA THR A 466 24.71 17.33 -25.78
C THR A 466 26.09 17.10 -25.19
N THR A 467 26.80 18.21 -24.95
CA THR A 467 28.09 18.22 -24.25
C THR A 467 27.94 17.61 -22.86
N GLU A 468 26.90 18.04 -22.13
CA GLU A 468 26.52 17.46 -20.83
C GLU A 468 26.42 15.94 -20.92
N GLU A 469 25.79 15.45 -22.00
CA GLU A 469 25.63 14.00 -22.21
C GLU A 469 26.95 13.28 -22.51
N ARG A 470 27.84 13.93 -23.24
CA ARG A 470 29.17 13.40 -23.48
C ARG A 470 29.89 13.22 -22.13
N ILE A 471 29.86 14.25 -21.26
CA ILE A 471 30.46 14.22 -19.92
C ILE A 471 29.88 13.13 -19.01
N PHE A 472 28.56 12.99 -19.05
CA PHE A 472 27.81 12.02 -18.26
C PHE A 472 28.09 10.60 -18.74
N ALA A 473 28.15 10.39 -20.07
CA ALA A 473 28.55 9.09 -20.63
C ALA A 473 29.93 8.66 -20.12
N GLN A 474 30.87 9.59 -20.16
CA GLN A 474 32.23 9.38 -19.68
C GLN A 474 32.26 9.00 -18.21
N ARG A 475 31.35 9.59 -17.44
CA ARG A 475 31.23 9.28 -16.03
C ARG A 475 30.79 7.82 -15.80
N LEU A 476 29.81 7.38 -16.58
CA LEU A 476 29.24 6.05 -16.44
C LEU A 476 30.17 4.97 -16.88
N MET A 477 31.04 5.30 -17.83
CA MET A 477 32.01 4.34 -18.34
C MET A 477 33.10 4.16 -17.30
N LYS A 478 33.48 5.25 -16.61
CA LYS A 478 34.37 5.19 -15.46
C LYS A 478 33.80 4.24 -14.41
N TYR A 479 32.52 4.37 -14.06
CA TYR A 479 31.94 3.51 -13.00
C TYR A 479 31.97 2.04 -13.39
N TRP A 480 31.47 1.74 -14.60
CA TRP A 480 31.36 0.38 -15.08
C TRP A 480 32.71 -0.33 -15.13
N THR A 481 33.73 0.38 -15.65
CA THR A 481 35.09 -0.13 -15.77
C THR A 481 35.85 -0.10 -14.45
N ASN A 482 35.58 0.86 -13.58
CA ASN A 482 36.15 0.80 -12.21
C ASN A 482 35.61 -0.45 -11.49
N PHE A 483 34.31 -0.74 -11.67
CA PHE A 483 33.69 -1.93 -11.09
C PHE A 483 34.32 -3.22 -11.64
N ALA A 484 34.58 -3.23 -12.94
CA ALA A 484 35.20 -4.40 -13.60
C ALA A 484 36.60 -4.63 -13.06
N ARG A 485 37.35 -3.53 -12.94
CA ARG A 485 38.73 -3.52 -12.43
C ARG A 485 38.85 -4.05 -11.00
N THR A 486 37.94 -3.62 -10.13
CA THR A 486 38.17 -3.64 -8.68
C THR A 486 36.96 -4.10 -7.89
N GLY A 487 35.84 -4.37 -8.58
CA GLY A 487 34.56 -4.71 -7.94
C GLY A 487 33.97 -3.57 -7.13
N ASP A 488 34.26 -2.34 -7.55
CA ASP A 488 33.88 -1.11 -6.83
C ASP A 488 33.83 0.06 -7.84
N PRO A 489 32.65 0.66 -8.05
CA PRO A 489 32.51 1.69 -9.09
C PRO A 489 33.16 3.04 -8.74
N ASN A 490 33.60 3.19 -7.49
CA ASN A 490 34.13 4.46 -7.01
C ASN A 490 35.55 4.72 -7.48
N ASP A 491 35.81 5.96 -7.85
CA ASP A 491 37.14 6.37 -8.25
C ASP A 491 38.07 6.34 -7.03
N PRO A 492 39.16 5.53 -7.10
CA PRO A 492 40.05 5.27 -5.97
C PRO A 492 40.76 6.55 -5.51
N ARG A 493 41.30 7.31 -6.47
CA ARG A 493 41.98 8.58 -6.16
C ARG A 493 40.99 9.68 -5.78
N ASP A 494 40.03 9.90 -6.67
CA ASP A 494 39.02 10.97 -6.60
C ASP A 494 38.07 10.82 -5.40
N SER A 495 38.47 11.38 -4.26
CA SER A 495 37.63 11.34 -3.06
C SER A 495 36.65 12.53 -2.98
N LYS A 496 36.96 13.62 -3.71
CA LYS A 496 36.09 14.81 -3.81
C LYS A 496 34.70 14.53 -4.45
N SER A 497 34.66 13.69 -5.48
CA SER A 497 33.39 13.17 -6.01
C SER A 497 32.56 12.55 -4.87
N PRO A 498 31.22 12.70 -4.94
CA PRO A 498 30.36 11.97 -4.00
C PRO A 498 30.50 10.45 -4.19
N GLN A 499 30.50 9.70 -3.09
CA GLN A 499 30.68 8.25 -3.11
C GLN A 499 29.37 7.49 -3.35
N TRP A 500 29.52 6.26 -3.84
CA TRP A 500 28.44 5.33 -4.12
C TRP A 500 28.55 4.20 -3.08
N PRO A 501 27.63 4.18 -2.08
CA PRO A 501 27.74 3.16 -1.04
C PRO A 501 27.20 1.83 -1.54
N PRO A 502 27.73 0.73 -0.98
CA PRO A 502 27.10 -0.57 -1.27
C PRO A 502 25.64 -0.62 -0.78
N TYR A 503 24.81 -1.38 -1.50
CA TYR A 503 23.47 -1.73 -1.07
C TYR A 503 23.54 -2.79 0.03
N THR A 504 22.91 -2.50 1.18
CA THR A 504 22.72 -3.49 2.25
C THR A 504 21.23 -3.66 2.59
N THR A 505 20.90 -4.81 3.18
CA THR A 505 19.56 -5.03 3.73
C THR A 505 19.25 -4.00 4.83
N ALA A 506 20.26 -3.64 5.61
CA ALA A 506 20.10 -2.64 6.67
C ALA A 506 19.73 -1.27 6.13
N ALA A 507 20.53 -0.70 5.23
CA ALA A 507 20.33 0.68 4.80
C ALA A 507 19.67 0.83 3.41
N GLN A 508 19.71 -0.22 2.60
CA GLN A 508 19.04 -0.21 1.30
C GLN A 508 19.43 0.96 0.40
N GLN A 509 20.71 1.31 0.39
CA GLN A 509 21.19 2.47 -0.38
C GLN A 509 21.49 2.22 -1.86
N TYR A 510 21.08 3.17 -2.69
CA TYR A 510 21.31 3.13 -4.13
C TYR A 510 21.57 4.54 -4.66
N VAL A 511 21.98 4.70 -5.92
CA VAL A 511 22.28 6.06 -6.41
C VAL A 511 21.46 6.45 -7.63
N SER A 512 21.15 7.74 -7.75
CA SER A 512 20.62 8.28 -8.98
C SER A 512 21.75 8.45 -10.03
N LEU A 513 21.50 7.98 -11.25
CA LEU A 513 22.38 8.28 -12.38
C LEU A 513 21.65 9.26 -13.33
N ASN A 514 22.04 10.53 -13.25
CA ASN A 514 21.56 11.60 -14.13
C ASN A 514 22.68 12.59 -14.37
N LEU A 515 22.37 13.79 -14.89
CA LEU A 515 23.41 14.73 -15.26
C LEU A 515 24.00 15.45 -14.03
N LYS A 516 23.31 15.31 -12.90
CA LYS A 516 23.74 15.91 -11.64
C LYS A 516 24.62 14.91 -10.87
N PRO A 517 25.49 15.43 -9.98
CA PRO A 517 26.38 14.55 -9.20
C PRO A 517 25.61 13.43 -8.51
N LEU A 518 26.25 12.30 -8.24
CA LEU A 518 25.55 11.18 -7.58
C LEU A 518 24.80 11.62 -6.33
N GLU A 519 23.52 11.26 -6.27
CA GLU A 519 22.73 11.41 -5.06
C GLU A 519 22.32 10.03 -4.56
N VAL A 520 22.48 9.83 -3.26
CA VAL A 520 22.17 8.59 -2.56
C VAL A 520 20.72 8.62 -2.05
N ARG A 521 19.97 7.58 -2.41
CA ARG A 521 18.59 7.39 -1.94
C ARG A 521 18.46 6.07 -1.18
N ARG A 522 17.38 5.93 -0.41
CA ARG A 522 17.20 4.73 0.41
C ARG A 522 15.94 3.94 0.05
N GLY A 523 16.09 2.64 -0.04
CA GLY A 523 14.96 1.75 -0.33
C GLY A 523 14.45 1.87 -1.76
N LEU A 524 14.60 0.79 -2.50
CA LEU A 524 14.18 0.74 -3.87
C LEU A 524 12.72 0.34 -3.91
N ARG A 525 11.84 1.34 -4.00
CA ARG A 525 10.38 1.13 -3.96
C ARG A 525 10.01 0.18 -2.84
N ALA A 526 10.48 0.44 -1.61
CA ALA A 526 10.32 -0.49 -0.52
C ALA A 526 8.85 -0.90 -0.26
N GLN A 527 7.92 0.06 -0.13
CA GLN A 527 6.51 -0.28 0.18
C GLN A 527 5.87 -1.12 -0.90
N THR A 528 5.98 -0.66 -2.14
CA THR A 528 5.39 -1.34 -3.29
C THR A 528 6.00 -2.70 -3.56
N CYS A 529 7.31 -2.86 -3.40
CA CYS A 529 7.93 -4.15 -3.68
C CYS A 529 7.69 -5.17 -2.57
N ALA A 530 7.30 -4.70 -1.38
CA ALA A 530 6.73 -5.60 -0.39
C ALA A 530 5.42 -6.20 -0.87
N PHE A 531 4.62 -5.43 -1.59
CA PHE A 531 3.40 -5.98 -2.19
C PHE A 531 3.74 -7.11 -3.18
N TRP A 532 4.59 -6.84 -4.16
CA TRP A 532 4.95 -7.84 -5.18
C TRP A 532 5.74 -9.02 -4.64
N ASN A 533 6.75 -8.75 -3.80
CA ASN A 533 7.65 -9.81 -3.35
C ASN A 533 7.19 -10.62 -2.15
N ARG A 534 6.38 -10.01 -1.29
CA ARG A 534 6.01 -10.63 -0.04
C ARG A 534 4.55 -11.00 0.05
N PHE A 535 3.67 -10.14 -0.48
CA PHE A 535 2.25 -10.40 -0.33
C PHE A 535 1.66 -11.15 -1.49
N LEU A 536 1.90 -10.68 -2.72
CA LEU A 536 1.31 -11.28 -3.92
C LEU A 536 1.47 -12.83 -4.01
N PRO A 537 2.69 -13.37 -3.75
CA PRO A 537 2.86 -14.84 -3.77
C PRO A 537 1.81 -15.55 -2.93
N LYS A 538 1.59 -15.06 -1.71
CA LYS A 538 0.63 -15.65 -0.76
C LYS A 538 -0.83 -15.59 -1.21
N LEU A 539 -1.15 -14.61 -2.03
CA LEU A 539 -2.48 -14.47 -2.63
C LEU A 539 -2.68 -15.38 -3.86
N LEU A 540 -1.58 -15.76 -4.53
CA LEU A 540 -1.58 -16.89 -5.48
C LEU A 540 -2.08 -18.21 -4.87
N SER A 541 -1.68 -18.50 -3.62
CA SER A 541 -2.14 -19.68 -2.87
C SER A 541 -3.59 -19.52 -2.31
N ALA A 542 -4.52 -19.19 -3.22
CA ALA A 542 -5.94 -19.00 -2.93
C ALA A 542 -6.64 -18.27 -4.10
N GLU B 4 -37.13 31.82 46.05
CA GLU B 4 -37.67 31.16 44.82
C GLU B 4 -37.50 32.05 43.58
N ASP B 5 -36.61 31.64 42.68
CA ASP B 5 -36.27 32.37 41.47
C ASP B 5 -37.21 31.98 40.33
N PRO B 6 -37.99 32.94 39.78
CA PRO B 6 -38.93 32.65 38.69
C PRO B 6 -38.25 32.05 37.48
N GLN B 7 -36.95 32.33 37.33
CA GLN B 7 -36.14 31.80 36.24
C GLN B 7 -35.82 30.33 36.39
N LEU B 8 -35.86 29.83 37.63
CA LEU B 8 -35.51 28.43 37.87
C LEU B 8 -36.74 27.51 37.97
N LEU B 9 -37.92 28.07 37.72
CA LEU B 9 -39.15 27.30 37.70
C LEU B 9 -39.70 27.10 36.30
N VAL B 10 -39.91 25.83 35.96
CA VAL B 10 -40.38 25.46 34.64
C VAL B 10 -41.53 24.48 34.80
N ARG B 11 -42.60 24.71 34.05
CA ARG B 11 -43.65 23.71 33.88
C ARG B 11 -43.45 22.91 32.59
N VAL B 12 -43.14 21.63 32.75
CA VAL B 12 -43.06 20.72 31.61
C VAL B 12 -44.35 19.91 31.64
N ARG B 13 -44.56 19.02 30.66
CA ARG B 13 -45.81 18.25 30.56
C ARG B 13 -46.13 17.39 31.76
N GLY B 14 -45.10 16.83 32.41
CA GLY B 14 -45.25 15.94 33.53
C GLY B 14 -45.47 16.67 34.84
N GLY B 15 -45.23 17.97 34.83
CA GLY B 15 -45.38 18.82 36.04
C GLY B 15 -44.28 19.84 36.19
N GLN B 16 -44.18 20.45 37.37
CA GLN B 16 -43.21 21.51 37.63
C GLN B 16 -41.83 21.03 38.10
N LEU B 17 -40.82 21.84 37.80
CA LEU B 17 -39.42 21.52 38.07
C LEU B 17 -38.72 22.74 38.62
N ARG B 18 -37.74 22.52 39.49
CA ARG B 18 -36.90 23.61 39.98
C ARG B 18 -35.42 23.38 39.66
N GLY B 19 -34.86 24.35 38.93
CA GLY B 19 -33.47 24.29 38.54
C GLY B 19 -32.55 24.92 39.56
N ILE B 20 -31.28 24.98 39.19
CA ILE B 20 -30.27 25.62 40.01
C ILE B 20 -29.54 26.63 39.13
N ARG B 21 -29.28 27.81 39.68
CA ARG B 21 -28.44 28.77 38.98
C ARG B 21 -27.00 28.37 39.20
N LEU B 22 -26.29 28.13 38.12
CA LEU B 22 -24.89 27.78 38.21
C LEU B 22 -23.99 28.95 37.80
N LYS B 23 -22.73 28.87 38.20
CA LYS B 23 -21.77 29.92 37.90
C LYS B 23 -20.87 29.43 36.76
N ALA B 24 -20.93 30.15 35.64
CA ALA B 24 -19.97 29.99 34.56
C ALA B 24 -19.05 31.23 34.58
N PRO B 25 -17.85 31.14 33.96
CA PRO B 25 -16.85 32.22 34.07
C PRO B 25 -17.40 33.56 33.61
N GLY B 26 -18.26 33.52 32.60
CA GLY B 26 -18.80 34.74 31.98
C GLY B 26 -20.05 35.29 32.64
N GLY B 27 -20.67 34.47 33.49
CA GLY B 27 -21.92 34.82 34.15
C GLY B 27 -22.75 33.57 34.39
N PRO B 28 -24.00 33.74 34.91
CA PRO B 28 -24.82 32.62 35.32
C PRO B 28 -25.51 31.89 34.18
N VAL B 29 -25.77 30.60 34.40
CA VAL B 29 -26.62 29.76 33.55
C VAL B 29 -27.62 29.05 34.47
N SER B 30 -28.74 28.58 33.91
CA SER B 30 -29.73 27.81 34.63
C SER B 30 -29.52 26.33 34.31
N ALA B 31 -29.45 25.47 35.32
CA ALA B 31 -29.38 24.05 35.03
C ALA B 31 -30.50 23.25 35.65
N PHE B 32 -31.09 22.40 34.84
CA PHE B 32 -32.19 21.56 35.23
C PHE B 32 -31.69 20.14 35.05
N LEU B 33 -31.15 19.60 36.13
CA LEU B 33 -30.42 18.35 36.16
C LEU B 33 -31.26 17.26 36.79
N GLY B 34 -31.20 16.05 36.23
CA GLY B 34 -31.89 14.91 36.82
C GLY B 34 -33.38 14.86 36.58
N ILE B 35 -33.79 15.11 35.35
CA ILE B 35 -35.21 15.12 35.02
C ILE B 35 -35.63 13.72 34.55
N PRO B 36 -36.68 13.16 35.16
CA PRO B 36 -37.06 11.83 34.67
C PRO B 36 -37.76 11.95 33.34
N PHE B 37 -37.33 11.16 32.35
CA PHE B 37 -37.99 11.14 31.05
C PHE B 37 -38.64 9.78 30.78
N ALA B 38 -38.33 8.79 31.61
CA ALA B 38 -39.00 7.50 31.55
C ALA B 38 -39.32 6.97 32.95
N GLU B 39 -40.18 5.95 33.00
CA GLU B 39 -40.40 5.17 34.21
C GLU B 39 -39.11 4.41 34.48
N PRO B 40 -38.69 4.34 35.76
CA PRO B 40 -37.51 3.51 36.08
C PRO B 40 -37.58 2.08 35.49
N PRO B 41 -36.61 1.69 34.62
CA PRO B 41 -36.57 0.38 33.94
C PRO B 41 -36.08 -0.75 34.86
N VAL B 42 -36.75 -0.88 36.00
CA VAL B 42 -36.35 -1.78 37.07
C VAL B 42 -37.36 -2.93 37.20
N GLY B 43 -36.91 -4.05 37.72
CA GLY B 43 -37.77 -5.21 37.90
C GLY B 43 -38.06 -5.92 36.60
N SER B 44 -39.35 -5.96 36.26
CA SER B 44 -39.86 -6.64 35.06
C SER B 44 -39.65 -5.78 33.82
N ARG B 45 -39.18 -4.56 34.02
CA ARG B 45 -38.90 -3.64 32.94
C ARG B 45 -37.43 -3.71 32.52
N ARG B 46 -36.65 -4.58 33.15
CA ARG B 46 -35.28 -4.80 32.71
C ARG B 46 -35.30 -5.41 31.32
N PHE B 47 -34.43 -4.89 30.43
CA PHE B 47 -34.32 -5.33 29.03
C PHE B 47 -35.46 -4.85 28.12
N MET B 48 -36.46 -4.18 28.70
CA MET B 48 -37.66 -3.78 27.97
C MET B 48 -37.55 -2.33 27.48
N PRO B 49 -38.20 -2.01 26.34
CA PRO B 49 -38.32 -0.62 25.91
C PRO B 49 -38.83 0.26 27.04
N PRO B 50 -38.36 1.52 27.09
CA PRO B 50 -38.72 2.46 28.14
C PRO B 50 -40.14 2.94 27.95
N GLU B 51 -40.82 3.25 29.05
CA GLU B 51 -42.13 3.86 28.95
C GLU B 51 -42.02 5.29 29.45
N PRO B 52 -42.83 6.20 28.87
CA PRO B 52 -42.82 7.59 29.32
C PRO B 52 -43.14 7.79 30.81
N LYS B 53 -42.41 8.70 31.45
CA LYS B 53 -42.53 8.97 32.88
C LYS B 53 -43.91 9.53 33.22
N ARG B 54 -44.58 8.92 34.20
CA ARG B 54 -45.89 9.40 34.66
C ARG B 54 -45.71 10.78 35.29
N PRO B 55 -46.71 11.66 35.12
CA PRO B 55 -46.76 12.96 35.79
C PRO B 55 -46.57 12.90 37.30
N TRP B 56 -46.11 14.01 37.89
CA TRP B 56 -45.80 14.10 39.31
C TRP B 56 -46.49 15.31 39.92
N SER B 57 -46.77 15.23 41.22
CA SER B 57 -47.36 16.32 41.99
C SER B 57 -46.27 17.28 42.38
N GLY B 58 -46.61 18.53 42.71
CA GLY B 58 -45.65 19.47 43.28
C GLY B 58 -44.53 19.91 42.35
N VAL B 59 -43.43 20.36 42.96
CA VAL B 59 -42.26 20.86 42.25
C VAL B 59 -41.14 19.84 42.43
N LEU B 60 -40.71 19.24 41.31
CA LEU B 60 -39.64 18.24 41.32
C LEU B 60 -38.28 18.93 41.37
N ASP B 61 -37.41 18.48 42.25
CA ASP B 61 -36.11 19.08 42.45
C ASP B 61 -35.13 18.65 41.36
N ALA B 62 -34.83 19.57 40.43
CA ALA B 62 -33.93 19.28 39.30
C ALA B 62 -32.63 20.08 39.43
N THR B 63 -32.03 20.03 40.63
CA THR B 63 -30.84 20.82 40.94
C THR B 63 -29.59 19.97 41.03
N THR B 64 -29.76 18.66 40.90
CA THR B 64 -28.66 17.72 41.06
C THR B 64 -28.66 16.59 40.04
N PHE B 65 -27.48 16.11 39.66
CA PHE B 65 -27.38 14.97 38.75
C PHE B 65 -27.98 13.73 39.39
N GLN B 66 -28.66 12.94 38.56
CA GLN B 66 -29.19 11.66 39.00
C GLN B 66 -28.19 10.51 38.87
N ASN B 67 -28.60 9.33 39.31
CA ASN B 67 -27.76 8.14 39.24
C ASN B 67 -27.29 7.81 37.82
N VAL B 68 -26.11 7.18 37.78
CA VAL B 68 -25.50 6.67 36.57
C VAL B 68 -26.06 5.27 36.30
N CYS B 69 -26.38 4.96 35.04
CA CYS B 69 -26.84 3.60 34.69
C CYS B 69 -25.87 2.49 35.12
N TYR B 70 -26.41 1.32 35.47
CA TYR B 70 -25.56 0.29 36.01
C TYR B 70 -24.53 -0.14 34.96
N GLN B 71 -23.26 0.00 35.32
CA GLN B 71 -22.17 -0.29 34.41
C GLN B 71 -20.95 -0.77 35.15
N TYR B 72 -20.02 -1.32 34.36
CA TYR B 72 -18.70 -1.70 34.79
C TYR B 72 -17.87 -0.46 35.16
N VAL B 73 -17.11 -0.59 36.24
CA VAL B 73 -16.22 0.48 36.69
C VAL B 73 -14.78 0.07 36.37
N ASP B 74 -14.01 0.97 35.75
CA ASP B 74 -12.66 0.63 35.28
C ASP B 74 -11.64 0.41 36.41
N THR B 75 -10.77 -0.60 36.22
CA THR B 75 -9.85 -1.05 37.25
C THR B 75 -8.38 -1.12 36.83
N LEU B 76 -8.09 -0.82 35.57
CA LEU B 76 -6.74 -0.99 35.05
C LEU B 76 -5.73 -0.10 35.77
N TYR B 77 -6.06 1.19 35.92
CA TYR B 77 -5.19 2.13 36.63
C TYR B 77 -5.94 2.84 37.75
N PRO B 78 -6.10 2.17 38.91
CA PRO B 78 -6.90 2.74 40.01
C PRO B 78 -6.45 4.14 40.43
N GLY B 79 -7.38 5.09 40.41
CA GLY B 79 -7.13 6.45 40.89
C GLY B 79 -6.29 7.34 40.01
N PHE B 80 -6.16 6.95 38.73
CA PHE B 80 -5.43 7.72 37.74
C PHE B 80 -6.45 8.58 36.99
N GLU B 81 -6.23 9.91 36.93
CA GLU B 81 -7.26 10.81 36.40
C GLU B 81 -7.67 10.48 34.97
N GLY B 82 -6.70 10.14 34.12
CA GLY B 82 -6.95 9.81 32.72
C GLY B 82 -7.97 8.71 32.48
N THR B 83 -8.06 7.77 33.42
CA THR B 83 -9.10 6.73 33.37
C THR B 83 -10.32 7.05 34.26
N GLU B 84 -10.08 7.61 35.43
CA GLU B 84 -11.17 7.87 36.36
C GLU B 84 -12.09 8.97 35.87
N MET B 85 -11.60 9.82 34.96
CA MET B 85 -12.39 10.93 34.42
C MET B 85 -13.57 10.42 33.59
N TRP B 86 -13.52 9.13 33.26
CA TRP B 86 -14.60 8.45 32.53
C TRP B 86 -15.43 7.54 33.46
N ASN B 87 -14.93 7.31 34.67
CA ASN B 87 -15.61 6.43 35.60
C ASN B 87 -16.87 7.11 36.15
N PRO B 88 -17.87 6.29 36.60
CA PRO B 88 -19.11 6.88 37.14
C PRO B 88 -18.82 7.87 38.26
N ASN B 89 -19.40 9.06 38.17
CA ASN B 89 -19.22 10.09 39.21
C ASN B 89 -20.48 10.30 40.05
N ARG B 90 -21.44 9.38 39.92
CA ARG B 90 -22.60 9.31 40.82
C ARG B 90 -22.85 7.86 41.18
N GLU B 91 -23.83 7.62 42.06
CA GLU B 91 -24.18 6.27 42.46
C GLU B 91 -24.73 5.53 41.26
N LEU B 92 -24.42 4.24 41.19
CA LEU B 92 -24.91 3.40 40.11
C LEU B 92 -26.31 2.94 40.45
N SER B 93 -27.19 2.94 39.44
CA SER B 93 -28.54 2.41 39.61
C SER B 93 -29.12 2.01 38.28
N GLU B 94 -30.01 1.02 38.28
CA GLU B 94 -30.82 0.78 37.07
C GLU B 94 -31.87 1.88 36.94
N ASP B 95 -32.22 2.53 38.04
CA ASP B 95 -33.08 3.67 37.98
C ASP B 95 -32.22 4.85 37.54
N CYS B 96 -32.12 5.07 36.23
CA CYS B 96 -31.12 5.98 35.69
C CYS B 96 -31.58 6.83 34.51
N LEU B 97 -32.87 6.80 34.20
CA LEU B 97 -33.36 7.41 32.99
C LEU B 97 -33.77 8.86 33.24
N TYR B 98 -32.74 9.71 33.23
CA TYR B 98 -32.91 11.12 33.51
C TYR B 98 -32.08 11.88 32.52
N LEU B 99 -32.49 13.13 32.26
CA LEU B 99 -31.74 13.99 31.36
C LEU B 99 -31.43 15.33 32.07
N ASN B 100 -30.51 16.11 31.51
CA ASN B 100 -30.11 17.41 32.04
C ASN B 100 -30.26 18.51 30.97
N VAL B 101 -30.60 19.73 31.40
CA VAL B 101 -30.78 20.88 30.49
C VAL B 101 -30.05 22.08 31.05
N TRP B 102 -29.13 22.65 30.26
CA TRP B 102 -28.52 23.96 30.61
C TRP B 102 -29.08 24.98 29.64
N THR B 103 -29.40 26.17 30.15
CA THR B 103 -29.84 27.29 29.31
C THR B 103 -29.11 28.53 29.79
N PRO B 104 -29.02 29.59 28.96
CA PRO B 104 -28.58 30.87 29.53
C PRO B 104 -29.50 31.38 30.65
N TYR B 105 -29.00 32.33 31.44
CA TYR B 105 -29.74 32.98 32.50
C TYR B 105 -29.64 34.48 32.27
N PRO B 106 -30.78 35.17 32.07
CA PRO B 106 -32.14 34.65 32.07
C PRO B 106 -32.39 33.76 30.85
N ARG B 107 -33.38 32.87 30.96
CA ARG B 107 -33.65 31.92 29.89
C ARG B 107 -34.00 32.66 28.60
N PRO B 108 -33.50 32.18 27.44
CA PRO B 108 -33.53 32.92 26.17
C PRO B 108 -34.87 33.56 25.82
N ALA B 109 -34.80 34.79 25.31
CA ALA B 109 -35.99 35.52 24.85
C ALA B 109 -36.68 34.87 23.64
N SER B 110 -35.90 34.40 22.66
CA SER B 110 -36.48 33.72 21.49
C SER B 110 -36.07 32.25 21.43
N PRO B 111 -36.79 31.43 20.63
CA PRO B 111 -36.41 30.01 20.47
C PRO B 111 -34.93 29.82 20.05
N THR B 112 -34.21 28.99 20.81
CA THR B 112 -32.75 28.88 20.67
C THR B 112 -32.36 27.49 20.20
N PRO B 113 -31.45 27.39 19.20
CA PRO B 113 -31.01 26.07 18.78
C PRO B 113 -30.61 25.16 19.95
N VAL B 114 -30.99 23.89 19.83
CA VAL B 114 -30.76 22.88 20.85
C VAL B 114 -29.66 21.91 20.46
N LEU B 115 -28.74 21.66 21.38
CA LEU B 115 -27.70 20.67 21.18
C LEU B 115 -27.92 19.50 22.16
N ILE B 116 -28.08 18.30 21.61
CA ILE B 116 -28.32 17.12 22.41
C ILE B 116 -27.08 16.25 22.37
N TRP B 117 -26.47 16.05 23.54
CA TRP B 117 -25.28 15.25 23.68
C TRP B 117 -25.60 13.81 24.11
N ILE B 118 -25.02 12.84 23.38
CA ILE B 118 -25.13 11.39 23.63
C ILE B 118 -23.70 10.87 23.88
N TYR B 119 -23.34 10.61 25.14
CA TYR B 119 -22.03 10.08 25.49
C TYR B 119 -21.65 8.75 24.84
N GLY B 120 -20.35 8.50 24.74
CA GLY B 120 -19.80 7.17 24.39
C GLY B 120 -19.45 6.39 25.66
N GLY B 121 -18.62 5.36 25.51
CA GLY B 121 -18.37 4.37 26.56
C GLY B 121 -18.52 2.92 26.08
N GLY B 122 -18.46 2.72 24.76
CA GLY B 122 -18.52 1.42 24.13
C GLY B 122 -19.84 0.72 24.27
N PHE B 123 -20.90 1.49 24.53
CA PHE B 123 -22.21 0.92 24.85
C PHE B 123 -22.25 0.14 26.17
N TYR B 124 -21.14 0.09 26.92
CA TYR B 124 -21.07 -0.61 28.22
C TYR B 124 -20.91 0.39 29.39
N SER B 125 -20.71 1.67 29.09
CA SER B 125 -20.39 2.64 30.14
C SER B 125 -20.76 4.07 29.77
N GLY B 126 -20.47 5.00 30.70
CA GLY B 126 -20.76 6.40 30.47
C GLY B 126 -21.88 6.94 31.32
N ALA B 127 -22.02 8.27 31.27
CA ALA B 127 -22.98 9.02 32.08
C ALA B 127 -22.96 10.47 31.62
N ALA B 128 -24.11 11.13 31.68
CA ALA B 128 -24.23 12.52 31.23
C ALA B 128 -23.71 13.51 32.29
N SER B 129 -23.29 12.99 33.44
CA SER B 129 -22.86 13.78 34.59
C SER B 129 -21.35 14.03 34.64
N LEU B 130 -20.59 13.42 33.72
CA LEU B 130 -19.14 13.52 33.76
C LEU B 130 -18.75 14.98 33.53
N ASP B 131 -17.69 15.43 34.23
CA ASP B 131 -17.21 16.80 34.10
C ASP B 131 -16.95 17.25 32.66
N VAL B 132 -16.40 16.37 31.82
CA VAL B 132 -16.11 16.73 30.42
C VAL B 132 -17.34 17.01 29.56
N TYR B 133 -18.54 16.65 30.05
CA TYR B 133 -19.80 16.97 29.35
C TYR B 133 -20.55 18.15 29.96
N ASP B 134 -19.88 18.93 30.79
CA ASP B 134 -20.47 20.08 31.46
C ASP B 134 -20.99 21.08 30.43
N GLY B 135 -22.29 21.33 30.44
CA GLY B 135 -22.95 22.17 29.43
C GLY B 135 -22.96 23.67 29.71
N ARG B 136 -22.43 24.07 30.86
CA ARG B 136 -22.55 25.45 31.29
C ARG B 136 -21.84 26.43 30.31
N PHE B 137 -20.70 26.03 29.79
CA PHE B 137 -19.91 26.91 28.93
C PHE B 137 -20.61 27.20 27.60
N LEU B 138 -21.03 26.14 26.91
CA LEU B 138 -21.80 26.26 25.67
C LEU B 138 -23.07 27.09 25.86
N ALA B 139 -23.69 26.93 27.03
CA ALA B 139 -24.89 27.69 27.39
C ALA B 139 -24.57 29.16 27.63
N GLN B 140 -23.56 29.45 28.45
CA GLN B 140 -23.22 30.84 28.79
C GLN B 140 -22.57 31.62 27.66
N VAL B 141 -21.59 31.01 26.98
CA VAL B 141 -20.81 31.73 25.97
C VAL B 141 -21.53 31.88 24.63
N GLU B 142 -22.10 30.76 24.16
CA GLU B 142 -22.75 30.65 22.87
C GLU B 142 -24.28 30.84 22.88
N GLY B 143 -24.88 30.88 24.06
CA GLY B 143 -26.33 31.09 24.19
C GLY B 143 -27.13 29.82 23.92
N ALA B 144 -26.44 28.70 23.77
CA ALA B 144 -27.07 27.39 23.49
C ALA B 144 -27.97 26.86 24.60
N VAL B 145 -29.03 26.16 24.22
CA VAL B 145 -29.75 25.28 25.11
C VAL B 145 -29.11 23.92 24.89
N LEU B 146 -28.49 23.38 25.94
CA LEU B 146 -27.80 22.09 25.85
C LEU B 146 -28.51 20.99 26.64
N VAL B 147 -28.70 19.83 26.00
CA VAL B 147 -29.40 18.70 26.60
C VAL B 147 -28.48 17.46 26.60
N SER B 148 -28.60 16.62 27.63
CA SER B 148 -27.92 15.32 27.70
C SER B 148 -28.73 14.29 28.53
N MET B 149 -28.83 13.06 28.05
CA MET B 149 -29.61 12.04 28.72
C MET B 149 -28.76 10.86 29.18
N ASN B 150 -29.17 10.19 30.23
CA ASN B 150 -28.63 8.87 30.51
C ASN B 150 -29.39 7.88 29.63
N TYR B 151 -28.69 6.88 29.10
CA TYR B 151 -29.35 5.76 28.46
C TYR B 151 -28.74 4.45 28.98
N ARG B 152 -29.51 3.37 28.95
CA ARG B 152 -29.05 2.12 29.53
C ARG B 152 -27.88 1.57 28.76
N VAL B 153 -26.82 1.18 29.46
CA VAL B 153 -25.62 0.65 28.79
C VAL B 153 -25.49 -0.82 29.16
N GLY B 154 -24.54 -1.53 28.52
CA GLY B 154 -24.25 -2.96 28.79
C GLY B 154 -25.43 -3.87 28.52
N THR B 155 -25.50 -4.99 29.25
CA THR B 155 -26.65 -5.91 29.18
C THR B 155 -28.01 -5.23 29.40
N PHE B 156 -28.04 -4.22 30.26
CA PHE B 156 -29.31 -3.54 30.55
C PHE B 156 -29.83 -2.75 29.34
N GLY B 157 -28.94 -2.30 28.48
CA GLY B 157 -29.33 -1.44 27.32
C GLY B 157 -29.42 -2.29 26.06
N PHE B 158 -28.57 -3.31 25.97
CA PHE B 158 -28.38 -3.98 24.68
C PHE B 158 -28.47 -5.53 24.64
N LEU B 159 -28.64 -6.17 25.79
CA LEU B 159 -28.90 -7.62 25.78
C LEU B 159 -30.19 -7.93 24.99
N ALA B 160 -30.05 -8.72 23.94
CA ALA B 160 -31.13 -8.96 23.00
C ALA B 160 -31.29 -10.43 22.83
N LEU B 161 -32.53 -10.89 22.92
CA LEU B 161 -32.89 -12.18 22.33
C LEU B 161 -33.83 -11.85 21.17
N PRO B 162 -33.26 -11.61 19.98
CA PRO B 162 -34.02 -11.07 18.85
C PRO B 162 -35.30 -11.85 18.53
N GLY B 163 -36.40 -11.12 18.41
CA GLY B 163 -37.70 -11.69 18.07
C GLY B 163 -38.54 -12.07 19.28
N SER B 164 -37.97 -11.82 20.46
CA SER B 164 -38.66 -12.03 21.72
C SER B 164 -39.40 -10.78 22.12
N ARG B 165 -40.46 -10.95 22.89
CA ARG B 165 -41.22 -9.85 23.45
C ARG B 165 -40.49 -9.18 24.62
N GLU B 166 -39.71 -9.94 25.37
CA GLU B 166 -39.12 -9.41 26.62
C GLU B 166 -37.64 -9.02 26.63
N ALA B 167 -36.92 -9.25 25.53
CA ALA B 167 -35.58 -8.68 25.31
C ALA B 167 -35.40 -8.44 23.83
N PRO B 168 -36.18 -7.49 23.27
CA PRO B 168 -36.18 -7.25 21.83
C PRO B 168 -34.87 -6.63 21.27
N GLY B 169 -34.01 -6.15 22.17
CA GLY B 169 -32.77 -5.51 21.77
C GLY B 169 -32.97 -4.04 21.46
N ASN B 170 -31.87 -3.30 21.50
CA ASN B 170 -31.79 -1.86 21.19
C ASN B 170 -32.50 -0.90 22.17
N VAL B 171 -32.75 -1.33 23.41
CA VAL B 171 -33.53 -0.48 24.33
C VAL B 171 -32.77 0.77 24.78
N GLY B 172 -31.45 0.68 24.92
CA GLY B 172 -30.66 1.86 25.22
C GLY B 172 -30.74 2.93 24.13
N LEU B 173 -31.01 2.52 22.90
CA LEU B 173 -31.25 3.46 21.79
C LEU B 173 -32.68 3.97 21.83
N LEU B 174 -33.63 3.14 22.27
CA LEU B 174 -34.99 3.65 22.55
C LEU B 174 -35.02 4.65 23.73
N ASP B 175 -34.13 4.47 24.71
CA ASP B 175 -33.98 5.43 25.78
C ASP B 175 -33.63 6.80 25.18
N GLN B 176 -32.66 6.82 24.27
CA GLN B 176 -32.25 8.03 23.56
C GLN B 176 -33.37 8.64 22.76
N ARG B 177 -34.05 7.83 21.95
CA ARG B 177 -35.18 8.27 21.17
C ARG B 177 -36.25 8.90 22.07
N LEU B 178 -36.56 8.26 23.21
CA LEU B 178 -37.49 8.87 24.18
C LEU B 178 -37.04 10.25 24.70
N ALA B 179 -35.76 10.42 25.03
CA ALA B 179 -35.28 11.74 25.48
C ALA B 179 -35.42 12.76 24.36
N LEU B 180 -35.21 12.32 23.13
CA LEU B 180 -35.39 13.16 21.95
C LEU B 180 -36.83 13.63 21.82
N GLN B 181 -37.78 12.71 22.00
CA GLN B 181 -39.23 12.98 22.00
C GLN B 181 -39.61 13.96 23.12
N TRP B 182 -39.00 13.74 24.29
CA TRP B 182 -39.16 14.61 25.46
C TRP B 182 -38.77 16.04 25.12
N VAL B 183 -37.63 16.20 24.45
CA VAL B 183 -37.17 17.49 23.93
C VAL B 183 -38.19 18.15 22.95
N GLN B 184 -38.73 17.38 22.01
CA GLN B 184 -39.71 17.93 21.08
C GLN B 184 -40.88 18.51 21.85
N GLU B 185 -41.38 17.73 22.82
CA GLU B 185 -42.58 18.10 23.58
C GLU B 185 -42.37 19.19 24.62
N ASN B 186 -41.14 19.32 25.12
CA ASN B 186 -40.88 20.07 26.36
C ASN B 186 -39.86 21.20 26.29
N ILE B 187 -39.05 21.25 25.23
CA ILE B 187 -37.88 22.12 25.22
C ILE B 187 -38.24 23.61 25.02
N ALA B 188 -39.36 23.89 24.35
CA ALA B 188 -39.83 25.28 24.20
C ALA B 188 -40.03 25.99 25.55
N ALA B 189 -40.39 25.24 26.60
CA ALA B 189 -40.57 25.77 27.95
C ALA B 189 -39.28 26.31 28.57
N PHE B 190 -38.12 25.79 28.11
CA PHE B 190 -36.80 26.26 28.55
C PHE B 190 -36.19 27.33 27.59
N GLY B 191 -36.95 27.68 26.56
CA GLY B 191 -36.46 28.60 25.53
C GLY B 191 -35.83 27.93 24.33
N GLY B 192 -35.67 26.61 24.37
CA GLY B 192 -35.16 25.85 23.24
C GLY B 192 -36.11 25.84 22.04
N ASP B 193 -35.54 25.69 20.84
CA ASP B 193 -36.31 25.62 19.58
C ASP B 193 -36.41 24.15 19.19
N PRO B 194 -37.62 23.56 19.26
CA PRO B 194 -37.62 22.13 18.88
C PRO B 194 -37.48 21.95 17.35
N MET B 195 -37.55 23.06 16.62
CA MET B 195 -37.43 23.02 15.17
C MET B 195 -36.00 23.19 14.66
N SER B 196 -35.06 23.22 15.60
CA SER B 196 -33.64 23.21 15.32
C SER B 196 -32.96 22.41 16.41
N VAL B 197 -32.85 21.10 16.17
CA VAL B 197 -32.25 20.20 17.12
C VAL B 197 -31.05 19.57 16.44
N THR B 198 -29.90 19.60 17.10
CA THR B 198 -28.70 18.99 16.58
C THR B 198 -28.22 17.91 17.54
N LEU B 199 -28.10 16.67 17.05
CA LEU B 199 -27.50 15.60 17.85
C LEU B 199 -26.00 15.68 17.77
N PHE B 200 -25.31 15.52 18.90
CA PHE B 200 -23.86 15.33 18.87
C PHE B 200 -23.39 14.25 19.87
N GLY B 201 -22.31 13.56 19.56
CA GLY B 201 -21.89 12.43 20.37
C GLY B 201 -20.51 12.03 19.91
N GLU B 202 -19.76 11.37 20.80
CA GLU B 202 -18.43 10.89 20.52
C GLU B 202 -18.38 9.38 20.73
N SER B 203 -17.69 8.68 19.85
CA SER B 203 -17.50 7.25 19.95
C SER B 203 -18.83 6.50 19.83
N ALA B 204 -19.21 5.78 20.89
CA ALA B 204 -20.49 5.08 20.91
C ALA B 204 -21.66 6.06 20.79
N GLY B 205 -21.47 7.28 21.32
CA GLY B 205 -22.45 8.35 21.21
C GLY B 205 -22.65 8.76 19.75
N ALA B 206 -21.57 8.71 18.99
CA ALA B 206 -21.54 9.09 17.60
C ALA B 206 -22.18 8.02 16.75
N ALA B 207 -21.88 6.74 17.04
CA ALA B 207 -22.55 5.63 16.40
C ALA B 207 -24.05 5.67 16.66
N SER B 208 -24.43 6.00 17.92
CA SER B 208 -25.85 6.16 18.32
C SER B 208 -26.47 7.27 17.48
N VAL B 209 -25.82 8.42 17.46
CA VAL B 209 -26.25 9.51 16.56
C VAL B 209 -26.43 8.97 15.14
N GLY B 210 -25.45 8.22 14.64
CA GLY B 210 -25.56 7.55 13.33
C GLY B 210 -26.72 6.59 13.17
N MET B 211 -27.08 5.91 14.24
CA MET B 211 -28.27 5.07 14.18
C MET B 211 -29.58 5.85 14.15
N HIS B 212 -29.61 7.02 14.78
CA HIS B 212 -30.78 7.88 14.65
C HIS B 212 -30.94 8.40 13.22
N ILE B 213 -29.83 8.68 12.52
CA ILE B 213 -29.86 9.04 11.10
C ILE B 213 -30.45 7.91 10.25
N LEU B 214 -30.16 6.66 10.65
CA LEU B 214 -30.55 5.50 9.88
C LEU B 214 -31.87 4.89 10.30
N SER B 215 -32.45 5.35 11.41
CA SER B 215 -33.74 4.83 11.84
C SER B 215 -34.87 5.84 11.65
N LEU B 216 -35.84 5.47 10.81
CA LEU B 216 -36.93 6.37 10.40
C LEU B 216 -37.72 7.06 11.53
N PRO B 217 -38.25 6.29 12.52
CA PRO B 217 -38.91 6.94 13.65
C PRO B 217 -38.05 8.01 14.38
N SER B 218 -36.72 7.94 14.29
CA SER B 218 -35.87 8.94 14.96
C SER B 218 -35.79 10.20 14.16
N ARG B 219 -36.08 10.08 12.86
CA ARG B 219 -35.75 11.14 11.91
C ARG B 219 -36.63 12.37 12.07
N SER B 220 -37.78 12.21 12.71
CA SER B 220 -38.70 13.33 12.97
C SER B 220 -38.35 14.11 14.26
N LEU B 221 -37.17 13.87 14.81
CA LEU B 221 -36.82 14.36 16.15
C LEU B 221 -35.53 15.17 16.22
N PHE B 222 -34.92 15.46 15.06
CA PHE B 222 -33.69 16.22 14.97
C PHE B 222 -33.53 16.68 13.53
N HIS B 223 -32.60 17.61 13.30
CA HIS B 223 -32.37 18.24 12.00
C HIS B 223 -30.94 18.07 11.47
N ARG B 224 -29.96 18.06 12.38
CA ARG B 224 -28.55 17.96 12.06
C ARG B 224 -27.88 16.99 13.03
N ALA B 225 -26.71 16.47 12.65
CA ALA B 225 -25.97 15.54 13.50
C ALA B 225 -24.48 15.78 13.45
N VAL B 226 -23.81 15.60 14.59
CA VAL B 226 -22.36 15.61 14.67
C VAL B 226 -21.92 14.22 15.18
N LEU B 227 -20.98 13.59 14.47
CA LEU B 227 -20.41 12.29 14.85
C LEU B 227 -18.92 12.45 15.07
N GLN B 228 -18.50 12.37 16.33
CA GLN B 228 -17.10 12.55 16.65
C GLN B 228 -16.52 11.17 16.93
N SER B 229 -15.62 10.71 16.07
CA SER B 229 -14.85 9.50 16.37
C SER B 229 -15.71 8.23 16.56
N GLY B 230 -16.73 8.04 15.74
CA GLY B 230 -17.58 6.85 15.80
C GLY B 230 -18.63 6.93 14.72
N THR B 231 -19.20 5.79 14.35
CA THR B 231 -20.02 5.65 13.17
C THR B 231 -20.89 4.42 13.38
N PRO B 232 -22.07 4.40 12.76
CA PRO B 232 -22.96 3.25 12.87
C PRO B 232 -22.42 2.04 12.13
N ASN B 233 -21.87 2.28 10.93
CA ASN B 233 -21.07 1.32 10.17
C ASN B 233 -19.73 0.97 10.84
N GLY B 234 -19.03 -0.04 10.31
CA GLY B 234 -17.75 -0.44 10.92
C GLY B 234 -17.84 -1.68 11.80
N PRO B 235 -16.70 -2.12 12.36
CA PRO B 235 -16.67 -3.50 12.90
C PRO B 235 -17.22 -3.70 14.32
N TRP B 236 -17.40 -2.61 15.08
CA TRP B 236 -17.70 -2.69 16.52
C TRP B 236 -19.10 -2.19 16.96
N ALA B 237 -19.78 -1.40 16.14
CA ALA B 237 -20.96 -0.67 16.60
C ALA B 237 -22.25 -1.49 16.56
N THR B 238 -22.31 -2.51 15.71
CA THR B 238 -23.45 -3.42 15.74
C THR B 238 -23.04 -4.90 15.74
N VAL B 239 -24.03 -5.75 16.01
CA VAL B 239 -23.91 -7.20 15.82
C VAL B 239 -25.13 -7.77 15.07
N SER B 240 -24.96 -8.95 14.46
CA SER B 240 -26.05 -9.63 13.78
C SER B 240 -27.04 -10.12 14.83
N ALA B 241 -28.27 -10.37 14.41
CA ALA B 241 -29.28 -10.91 15.31
C ALA B 241 -28.85 -12.25 15.87
N GLY B 242 -28.18 -13.07 15.05
CA GLY B 242 -27.73 -14.39 15.48
C GLY B 242 -26.65 -14.33 16.55
N GLU B 243 -25.80 -13.32 16.46
CA GLU B 243 -24.67 -13.18 17.38
C GLU B 243 -25.03 -12.52 18.73
N ALA B 244 -26.03 -11.63 18.75
CA ALA B 244 -26.62 -11.17 20.01
C ALA B 244 -27.32 -12.31 20.75
N ARG B 245 -28.07 -13.11 20.00
CA ARG B 245 -28.72 -14.28 20.58
C ARG B 245 -27.66 -15.17 21.25
N ARG B 246 -26.55 -15.41 20.56
CA ARG B 246 -25.45 -16.24 21.06
C ARG B 246 -24.87 -15.69 22.38
N ARG B 247 -24.49 -14.42 22.37
CA ARG B 247 -23.90 -13.74 23.54
C ARG B 247 -24.86 -13.63 24.73
N ALA B 248 -26.15 -13.44 24.47
CA ALA B 248 -27.17 -13.29 25.51
C ALA B 248 -27.45 -14.62 26.18
N THR B 249 -27.57 -15.68 25.39
CA THR B 249 -27.71 -17.03 25.91
C THR B 249 -26.41 -17.57 26.51
N LEU B 250 -25.25 -17.05 26.10
CA LEU B 250 -24.00 -17.43 26.78
C LEU B 250 -23.94 -16.80 28.17
N LEU B 251 -24.24 -15.50 28.27
CA LEU B 251 -24.25 -14.80 29.56
C LEU B 251 -25.21 -15.48 30.53
N ALA B 252 -26.37 -15.90 30.02
CA ALA B 252 -27.37 -16.62 30.80
C ALA B 252 -26.82 -17.91 31.38
N ARG B 253 -26.03 -18.66 30.60
CA ARG B 253 -25.39 -19.87 31.12
C ARG B 253 -24.44 -19.52 32.27
N LEU B 254 -23.67 -18.45 32.07
CA LEU B 254 -22.65 -18.01 33.04
C LEU B 254 -23.19 -17.56 34.39
N VAL B 255 -24.45 -17.16 34.43
CA VAL B 255 -25.08 -16.75 35.69
C VAL B 255 -26.13 -17.78 36.16
N GLY B 256 -26.20 -18.91 35.45
CA GLY B 256 -26.96 -20.08 35.89
C GLY B 256 -28.42 -20.17 35.47
N CYS B 257 -28.78 -19.52 34.35
CA CYS B 257 -30.20 -19.47 33.97
C CYS B 257 -30.72 -20.67 33.14
N ASN B 265 -36.72 -21.83 25.32
CA ASN B 265 -37.75 -20.87 25.71
C ASN B 265 -37.16 -19.51 26.14
N ASP B 266 -37.36 -18.48 25.31
CA ASP B 266 -36.89 -17.11 25.62
C ASP B 266 -37.44 -16.52 26.93
N THR B 267 -38.73 -16.75 27.18
CA THR B 267 -39.42 -16.17 28.33
C THR B 267 -38.79 -16.68 29.62
N GLU B 268 -38.64 -18.01 29.70
CA GLU B 268 -37.99 -18.69 30.81
C GLU B 268 -36.62 -18.06 31.07
N LEU B 269 -35.82 -17.92 30.00
CA LEU B 269 -34.45 -17.45 30.13
C LEU B 269 -34.40 -16.00 30.58
N ILE B 270 -35.23 -15.15 29.99
CA ILE B 270 -35.25 -13.74 30.36
C ILE B 270 -35.79 -13.54 31.78
N ALA B 271 -36.82 -14.29 32.15
CA ALA B 271 -37.37 -14.19 33.49
C ALA B 271 -36.28 -14.45 34.53
N CYS B 272 -35.46 -15.46 34.29
CA CYS B 272 -34.39 -15.81 35.23
C CYS B 272 -33.27 -14.76 35.29
N LEU B 273 -32.94 -14.17 34.15
CA LEU B 273 -31.97 -13.09 34.12
C LEU B 273 -32.47 -11.89 34.92
N ARG B 274 -33.78 -11.64 34.89
CA ARG B 274 -34.37 -10.53 35.65
C ARG B 274 -34.31 -10.72 37.18
N THR B 275 -34.14 -11.97 37.64
CA THR B 275 -33.99 -12.25 39.06
C THR B 275 -32.58 -11.94 39.58
N ARG B 276 -31.65 -11.70 38.67
CA ARG B 276 -30.23 -11.53 38.99
C ARG B 276 -29.83 -10.10 39.42
N PRO B 277 -29.16 -9.97 40.59
CA PRO B 277 -28.54 -8.69 40.93
C PRO B 277 -27.74 -8.09 39.78
N ALA B 278 -27.68 -6.76 39.72
CA ALA B 278 -27.08 -6.06 38.60
C ALA B 278 -25.59 -6.41 38.39
N GLN B 279 -24.82 -6.49 39.48
CA GLN B 279 -23.37 -6.76 39.37
C GLN B 279 -23.10 -8.14 38.82
N ASP B 280 -24.02 -9.09 39.08
CA ASP B 280 -23.93 -10.43 38.51
C ASP B 280 -23.86 -10.43 36.98
N LEU B 281 -24.63 -9.56 36.35
CA LEU B 281 -24.61 -9.40 34.89
C LEU B 281 -23.27 -8.80 34.43
N VAL B 282 -22.93 -7.65 35.01
CA VAL B 282 -21.66 -6.95 34.79
C VAL B 282 -20.38 -7.81 34.99
N ASP B 283 -20.35 -8.62 36.06
CA ASP B 283 -19.26 -9.56 36.34
C ASP B 283 -18.90 -10.49 35.17
N HIS B 284 -19.90 -10.85 34.37
CA HIS B 284 -19.73 -11.83 33.30
C HIS B 284 -19.88 -11.22 31.90
N GLU B 285 -20.12 -9.92 31.86
CA GLU B 285 -20.30 -9.15 30.62
C GLU B 285 -19.17 -9.34 29.60
N TRP B 286 -17.93 -9.40 30.07
CA TRP B 286 -16.78 -9.49 29.16
C TRP B 286 -16.43 -10.93 28.74
N HIS B 287 -17.08 -11.91 29.34
CA HIS B 287 -16.74 -13.29 29.02
C HIS B 287 -17.40 -13.85 27.76
N VAL B 288 -18.20 -13.03 27.07
CA VAL B 288 -19.01 -13.51 25.93
C VAL B 288 -18.47 -13.14 24.54
N LEU B 289 -17.42 -12.34 24.48
CA LEU B 289 -16.82 -11.98 23.18
C LEU B 289 -16.18 -13.21 22.53
N PRO B 290 -16.40 -13.40 21.20
CA PRO B 290 -15.98 -14.64 20.51
C PRO B 290 -14.45 -14.86 20.42
N GLN B 291 -13.69 -13.77 20.49
CA GLN B 291 -12.22 -13.79 20.42
C GLN B 291 -11.60 -12.79 21.40
N GLU B 292 -10.30 -12.97 21.67
CA GLU B 292 -9.50 -11.98 22.39
C GLU B 292 -9.36 -10.75 21.51
N SER B 293 -9.83 -9.62 21.99
CA SER B 293 -9.90 -8.44 21.17
C SER B 293 -9.69 -7.15 21.93
N ILE B 294 -9.58 -6.05 21.18
CA ILE B 294 -9.67 -4.70 21.72
C ILE B 294 -10.60 -3.96 20.77
N PHE B 295 -11.17 -2.84 21.22
CA PHE B 295 -12.17 -2.08 20.49
C PHE B 295 -13.31 -2.99 20.05
N ARG B 296 -13.74 -3.86 20.95
CA ARG B 296 -14.87 -4.73 20.66
C ARG B 296 -15.66 -4.90 21.96
N PHE B 297 -16.98 -4.77 21.88
CA PHE B 297 -17.84 -4.63 23.07
C PHE B 297 -18.95 -5.66 23.05
N SER B 298 -19.25 -6.25 24.22
CA SER B 298 -20.15 -7.41 24.26
C SER B 298 -21.60 -7.12 23.89
N PHE B 299 -22.17 -6.07 24.48
CA PHE B 299 -23.59 -5.78 24.30
C PHE B 299 -23.78 -4.43 23.64
N VAL B 300 -24.16 -4.49 22.37
CA VAL B 300 -24.21 -3.32 21.47
C VAL B 300 -25.47 -3.39 20.59
N PRO B 301 -25.83 -2.31 19.87
CA PRO B 301 -27.06 -2.32 19.09
C PRO B 301 -27.08 -3.47 18.14
N VAL B 302 -28.23 -4.12 17.99
CA VAL B 302 -28.32 -5.34 17.19
C VAL B 302 -29.07 -5.02 15.89
N VAL B 303 -28.68 -5.65 14.79
CA VAL B 303 -29.42 -5.50 13.54
C VAL B 303 -30.69 -6.34 13.65
N ASP B 304 -31.73 -5.71 14.20
CA ASP B 304 -33.00 -6.39 14.58
C ASP B 304 -34.07 -6.47 13.48
N GLY B 305 -33.87 -5.77 12.38
CA GLY B 305 -34.90 -5.62 11.35
C GLY B 305 -36.00 -4.66 11.77
N ASP B 306 -35.81 -3.96 12.89
CA ASP B 306 -36.82 -3.04 13.44
C ASP B 306 -36.25 -1.65 13.57
N PHE B 307 -35.51 -1.39 14.66
CA PHE B 307 -34.85 -0.11 14.83
C PHE B 307 -33.91 0.04 13.66
N LEU B 308 -33.21 -1.06 13.35
CA LEU B 308 -32.31 -1.13 12.21
C LEU B 308 -32.87 -2.13 11.22
N SER B 309 -33.39 -1.63 10.12
CA SER B 309 -34.05 -2.49 9.14
C SER B 309 -33.07 -3.31 8.29
N ASP B 310 -31.81 -2.89 8.22
CA ASP B 310 -30.75 -3.68 7.61
C ASP B 310 -29.46 -3.32 8.33
N THR B 311 -28.35 -3.93 7.92
CA THR B 311 -27.04 -3.52 8.45
C THR B 311 -26.80 -2.04 8.17
N PRO B 312 -26.10 -1.35 9.07
CA PRO B 312 -25.70 0.03 8.78
C PRO B 312 -25.03 0.19 7.41
N GLU B 313 -24.22 -0.79 7.00
CA GLU B 313 -23.53 -0.78 5.70
C GLU B 313 -24.57 -0.73 4.58
N ALA B 314 -25.55 -1.63 4.63
CA ALA B 314 -26.63 -1.65 3.64
C ALA B 314 -27.38 -0.33 3.62
N LEU B 315 -27.71 0.18 4.82
CA LEU B 315 -28.50 1.40 4.97
C LEU B 315 -27.81 2.68 4.49
N ILE B 316 -26.50 2.79 4.70
CA ILE B 316 -25.76 3.96 4.18
C ILE B 316 -25.54 3.85 2.69
N ASN B 317 -25.48 2.62 2.15
CA ASN B 317 -25.26 2.42 0.72
C ASN B 317 -26.48 2.78 -0.12
N THR B 318 -27.67 2.66 0.45
CA THR B 318 -28.92 2.89 -0.30
C THR B 318 -29.75 4.06 0.22
N GLY B 319 -29.37 4.61 1.36
CA GLY B 319 -30.11 5.71 1.99
C GLY B 319 -30.21 6.95 1.11
N ASP B 320 -31.26 7.74 1.32
CA ASP B 320 -31.36 9.06 0.70
C ASP B 320 -31.30 10.10 1.80
N PHE B 321 -30.26 10.94 1.76
CA PHE B 321 -29.99 11.87 2.85
C PHE B 321 -30.19 13.33 2.46
N GLN B 322 -31.17 13.53 1.57
CA GLN B 322 -31.56 14.81 0.95
C GLN B 322 -31.36 16.08 1.78
N ASP B 323 -32.17 16.23 2.84
CA ASP B 323 -32.10 17.48 3.59
C ASP B 323 -31.49 17.25 4.98
N LEU B 324 -30.29 16.67 5.00
CA LEU B 324 -29.53 16.39 6.23
C LEU B 324 -28.17 17.09 6.15
N GLN B 325 -27.72 17.63 7.28
CA GLN B 325 -26.37 18.16 7.39
C GLN B 325 -25.64 17.41 8.48
N VAL B 326 -24.38 17.08 8.22
CA VAL B 326 -23.58 16.24 9.10
C VAL B 326 -22.21 16.83 9.23
N LEU B 327 -21.68 16.82 10.44
CA LEU B 327 -20.31 17.14 10.76
C LEU B 327 -19.61 15.89 11.34
N VAL B 328 -18.51 15.46 10.73
CA VAL B 328 -17.79 14.26 11.21
C VAL B 328 -16.29 14.51 11.33
N GLY B 329 -15.65 13.78 12.24
CA GLY B 329 -14.22 13.87 12.34
C GLY B 329 -13.59 12.84 13.23
N VAL B 330 -12.26 12.90 13.31
CA VAL B 330 -11.44 11.97 14.06
C VAL B 330 -10.40 12.78 14.84
N VAL B 331 -9.80 12.19 15.87
CA VAL B 331 -8.63 12.75 16.53
C VAL B 331 -7.37 12.11 15.95
N LYS B 332 -6.21 12.64 16.28
CA LYS B 332 -5.00 12.24 15.59
C LYS B 332 -4.54 10.81 15.91
N ASP B 333 -4.96 10.27 17.06
CA ASP B 333 -4.44 8.96 17.51
C ASP B 333 -5.54 8.10 18.12
N GLU B 334 -6.50 7.70 17.30
CA GLU B 334 -7.71 7.04 17.73
C GLU B 334 -7.45 5.71 18.43
N GLY B 335 -6.41 5.02 18.00
CA GLY B 335 -6.20 3.67 18.49
C GLY B 335 -5.29 3.49 19.67
N SER B 336 -4.60 4.55 20.10
CA SER B 336 -3.56 4.41 21.12
C SER B 336 -4.11 3.96 22.46
N TYR B 337 -5.17 4.63 22.90
CA TYR B 337 -5.85 4.36 24.17
C TYR B 337 -6.19 2.88 24.39
N PHE B 338 -6.54 2.19 23.30
CA PHE B 338 -7.08 0.85 23.33
C PHE B 338 -6.01 -0.20 23.49
N LEU B 339 -4.80 0.15 23.07
CA LEU B 339 -3.67 -0.77 23.08
C LEU B 339 -3.28 -1.23 24.49
N VAL B 340 -3.40 -0.33 25.47
CA VAL B 340 -2.97 -0.59 26.86
C VAL B 340 -3.87 -1.59 27.63
N TYR B 341 -5.01 -1.91 27.01
CA TYR B 341 -6.07 -2.71 27.62
C TYR B 341 -6.13 -4.15 27.09
N GLY B 342 -5.24 -4.52 26.17
CA GLY B 342 -5.28 -5.86 25.61
C GLY B 342 -4.03 -6.34 24.91
N VAL B 343 -3.24 -5.41 24.36
CA VAL B 343 -2.08 -5.73 23.53
C VAL B 343 -0.79 -5.82 24.34
N PRO B 344 -0.18 -7.03 24.42
CA PRO B 344 1.09 -7.20 25.14
C PRO B 344 2.20 -6.26 24.64
N GLY B 345 2.89 -5.61 25.58
CA GLY B 345 3.98 -4.68 25.30
C GLY B 345 3.58 -3.21 25.35
N PHE B 346 2.31 -2.94 25.57
CA PHE B 346 1.82 -1.57 25.63
C PHE B 346 1.39 -1.19 27.03
N SER B 347 1.71 0.05 27.38
CA SER B 347 1.42 0.62 28.70
C SER B 347 1.58 2.14 28.70
N LYS B 348 0.88 2.79 29.62
CA LYS B 348 1.04 4.22 29.86
C LYS B 348 2.30 4.52 30.66
N ASP B 349 2.83 3.50 31.34
CA ASP B 349 3.96 3.68 32.25
C ASP B 349 5.35 3.54 31.61
N ASN B 350 5.41 3.66 30.28
CA ASN B 350 6.66 3.67 29.51
C ASN B 350 6.36 3.97 28.03
N GLU B 351 7.41 4.04 27.21
CA GLU B 351 7.25 4.38 25.79
C GLU B 351 6.67 3.28 24.91
N SER B 352 6.47 2.07 25.47
CA SER B 352 5.80 0.97 24.77
C SER B 352 6.43 0.63 23.41
N LEU B 353 7.75 0.44 23.40
CA LEU B 353 8.46 0.15 22.18
C LEU B 353 8.40 -1.35 21.94
N ILE B 354 7.69 -1.74 20.89
CA ILE B 354 7.41 -3.15 20.63
C ILE B 354 8.35 -3.78 19.60
N SER B 355 8.39 -5.11 19.61
CA SER B 355 9.13 -5.91 18.64
C SER B 355 8.24 -6.20 17.44
N ARG B 356 8.84 -6.77 16.40
CA ARG B 356 8.07 -7.29 15.26
C ARG B 356 7.07 -8.37 15.68
N ALA B 357 7.51 -9.30 16.51
CA ALA B 357 6.67 -10.40 16.96
C ALA B 357 5.42 -9.92 17.70
N GLN B 358 5.60 -8.89 18.54
CA GLN B 358 4.51 -8.27 19.32
C GLN B 358 3.57 -7.46 18.42
N PHE B 359 4.09 -7.01 17.28
CA PHE B 359 3.28 -6.29 16.32
C PHE B 359 2.37 -7.26 15.57
N LEU B 360 2.88 -8.43 15.19
CA LEU B 360 2.05 -9.45 14.54
C LEU B 360 0.97 -10.00 15.47
N ALA B 361 1.33 -10.17 16.74
CA ALA B 361 0.39 -10.63 17.77
C ALA B 361 -0.66 -9.58 18.06
N GLY B 362 -0.25 -8.31 18.05
CA GLY B 362 -1.14 -7.18 18.33
C GLY B 362 -2.18 -7.01 17.26
N VAL B 363 -1.79 -7.25 16.00
CA VAL B 363 -2.70 -7.22 14.84
C VAL B 363 -3.83 -8.27 14.97
N ARG B 364 -3.54 -9.48 15.48
CA ARG B 364 -4.56 -10.51 15.62
C ARG B 364 -5.60 -10.14 16.67
N ILE B 365 -5.23 -9.19 17.55
CA ILE B 365 -6.10 -8.73 18.65
C ILE B 365 -6.86 -7.48 18.23
N GLY B 366 -6.20 -6.61 17.47
CA GLY B 366 -6.82 -5.39 16.94
C GLY B 366 -7.76 -5.62 15.76
N VAL B 367 -7.50 -6.68 15.01
CA VAL B 367 -8.36 -7.11 13.91
C VAL B 367 -8.74 -8.58 14.17
N PRO B 368 -9.55 -8.82 15.22
CA PRO B 368 -9.83 -10.19 15.70
C PRO B 368 -10.59 -11.04 14.69
N GLN B 369 -11.22 -10.36 13.73
CA GLN B 369 -12.09 -11.01 12.78
C GLN B 369 -11.30 -11.49 11.58
N ALA B 370 -9.99 -11.22 11.58
CA ALA B 370 -9.11 -11.52 10.45
C ALA B 370 -8.61 -12.96 10.35
N SER B 371 -8.60 -13.48 9.13
CA SER B 371 -7.93 -14.74 8.84
C SER B 371 -6.41 -14.54 8.84
N ASP B 372 -5.67 -15.62 8.68
CA ASP B 372 -4.21 -15.55 8.62
C ASP B 372 -3.75 -14.64 7.48
N LEU B 373 -4.31 -14.86 6.29
CA LEU B 373 -3.98 -14.07 5.11
C LEU B 373 -4.30 -12.61 5.27
N ALA B 374 -5.46 -12.31 5.84
CA ALA B 374 -5.90 -10.93 6.05
C ALA B 374 -5.06 -10.18 7.08
N ALA B 375 -4.59 -10.88 8.11
CA ALA B 375 -3.77 -10.24 9.14
C ALA B 375 -2.37 -10.00 8.59
N GLU B 376 -1.92 -10.91 7.75
CA GLU B 376 -0.66 -10.71 7.04
C GLU B 376 -0.70 -9.53 6.04
N ALA B 377 -1.84 -9.33 5.38
CA ALA B 377 -2.00 -8.18 4.51
C ALA B 377 -1.97 -6.91 5.33
N VAL B 378 -2.53 -6.94 6.54
CA VAL B 378 -2.51 -5.78 7.43
C VAL B 378 -1.08 -5.45 7.83
N VAL B 379 -0.35 -6.46 8.29
CA VAL B 379 1.06 -6.33 8.64
C VAL B 379 1.95 -5.85 7.49
N LEU B 380 1.79 -6.45 6.32
CA LEU B 380 2.62 -6.09 5.21
C LEU B 380 2.35 -4.64 4.74
N HIS B 381 1.13 -4.16 4.95
CA HIS B 381 0.72 -2.78 4.64
C HIS B 381 1.23 -1.74 5.65
N TYR B 382 1.19 -2.08 6.93
CA TYR B 382 1.55 -1.13 7.99
C TYR B 382 3.03 -1.14 8.38
N THR B 383 3.75 -2.20 8.06
CA THR B 383 5.20 -2.21 8.19
C THR B 383 5.82 -1.12 7.32
N ASP B 384 6.78 -0.39 7.88
CA ASP B 384 7.65 0.49 7.09
C ASP B 384 8.82 -0.36 6.59
N TRP B 385 8.87 -0.63 5.29
CA TRP B 385 9.84 -1.60 4.78
C TRP B 385 11.26 -1.07 4.71
N LEU B 386 11.41 0.22 5.00
CA LEU B 386 12.74 0.81 5.21
C LEU B 386 13.23 0.55 6.64
N HIS B 387 12.28 0.56 7.56
CA HIS B 387 12.55 0.39 9.00
C HIS B 387 11.65 -0.72 9.56
N PRO B 388 11.81 -1.96 9.05
CA PRO B 388 10.88 -3.04 9.42
C PRO B 388 10.87 -3.46 10.89
N GLU B 389 12.01 -3.36 11.57
CA GLU B 389 12.11 -3.86 12.95
C GLU B 389 12.21 -2.74 13.99
N ASP B 390 12.03 -1.49 13.54
CA ASP B 390 12.13 -0.33 14.40
C ASP B 390 10.99 -0.28 15.38
N PRO B 391 11.29 -0.29 16.69
CA PRO B 391 10.27 -0.32 17.73
C PRO B 391 9.29 0.87 17.76
N THR B 392 9.80 2.10 17.57
CA THR B 392 8.93 3.30 17.52
C THR B 392 7.94 3.22 16.35
N HIS B 393 8.40 2.85 15.16
CA HIS B 393 7.52 2.70 14.00
C HIS B 393 6.46 1.65 14.29
N LEU B 394 6.90 0.48 14.75
CA LEU B 394 6.01 -0.63 15.02
C LEU B 394 4.92 -0.30 16.04
N ARG B 395 5.28 0.40 17.11
CA ARG B 395 4.32 0.90 18.10
C ARG B 395 3.29 1.84 17.46
N ASP B 396 3.75 2.81 16.68
CA ASP B 396 2.86 3.79 16.07
C ASP B 396 1.94 3.17 15.02
N ALA B 397 2.43 2.10 14.39
CA ALA B 397 1.70 1.42 13.33
C ALA B 397 0.56 0.62 13.94
N MET B 398 0.85 -0.03 15.06
CA MET B 398 -0.15 -0.74 15.86
C MET B 398 -1.34 0.13 16.29
N SER B 399 -1.05 1.33 16.78
CA SER B 399 -2.08 2.29 17.12
C SER B 399 -2.85 2.67 15.84
N ALA B 400 -2.12 2.94 14.76
CA ALA B 400 -2.71 3.26 13.46
C ALA B 400 -3.65 2.16 12.96
N VAL B 401 -3.23 0.89 13.06
CA VAL B 401 -4.11 -0.24 12.67
C VAL B 401 -5.45 -0.15 13.40
N VAL B 402 -5.37 0.00 14.73
CA VAL B 402 -6.56 0.06 15.58
C VAL B 402 -7.44 1.27 15.27
N GLY B 403 -6.84 2.45 15.07
CA GLY B 403 -7.59 3.66 14.79
C GLY B 403 -8.20 3.71 13.40
N ASP B 404 -7.44 3.25 12.41
CA ASP B 404 -7.89 3.23 11.03
C ASP B 404 -9.06 2.26 10.83
N HIS B 405 -8.89 1.04 11.29
CA HIS B 405 -9.89 -0.02 11.17
C HIS B 405 -11.18 0.34 11.89
N ASN B 406 -11.05 0.96 13.07
CA ASN B 406 -12.18 1.15 13.95
C ASN B 406 -12.84 2.52 13.88
N VAL B 407 -12.10 3.54 13.48
CA VAL B 407 -12.69 4.87 13.42
C VAL B 407 -12.47 5.60 12.09
N VAL B 408 -11.22 5.89 11.72
CA VAL B 408 -10.91 6.76 10.58
C VAL B 408 -11.51 6.22 9.27
N CYS B 409 -11.41 4.93 9.05
CA CYS B 409 -11.89 4.40 7.80
C CYS B 409 -13.41 4.22 7.72
N PRO B 410 -14.07 3.71 8.79
CA PRO B 410 -15.53 3.90 8.89
C PRO B 410 -15.99 5.37 8.73
N VAL B 411 -15.33 6.31 9.39
CA VAL B 411 -15.66 7.72 9.24
C VAL B 411 -15.57 8.19 7.77
N ALA B 412 -14.47 7.83 7.09
CA ALA B 412 -14.25 8.12 5.67
C ALA B 412 -15.29 7.48 4.77
N GLN B 413 -15.67 6.23 5.07
CA GLN B 413 -16.74 5.51 4.35
C GLN B 413 -18.13 6.16 4.54
N LEU B 414 -18.44 6.59 5.76
CA LEU B 414 -19.70 7.27 6.02
C LEU B 414 -19.76 8.63 5.33
N ALA B 415 -18.74 9.47 5.56
CA ALA B 415 -18.62 10.77 4.91
C ALA B 415 -18.91 10.69 3.40
N GLY B 416 -18.27 9.73 2.72
CA GLY B 416 -18.43 9.60 1.28
C GLY B 416 -19.81 9.14 0.84
N ARG B 417 -20.39 8.17 1.54
CA ARG B 417 -21.76 7.74 1.22
C ARG B 417 -22.80 8.86 1.43
N LEU B 418 -22.77 9.49 2.59
CA LEU B 418 -23.62 10.67 2.88
C LEU B 418 -23.50 11.79 1.84
N ALA B 419 -22.28 12.17 1.49
CA ALA B 419 -22.07 13.20 0.49
C ALA B 419 -22.68 12.84 -0.87
N ALA B 420 -22.42 11.60 -1.31
CA ALA B 420 -22.90 11.04 -2.55
C ALA B 420 -24.44 10.94 -2.60
N GLN B 421 -25.04 10.68 -1.44
CA GLN B 421 -26.49 10.50 -1.33
C GLN B 421 -27.23 11.75 -0.87
N GLY B 422 -26.64 12.92 -1.15
CA GLY B 422 -27.32 14.20 -0.96
C GLY B 422 -27.34 14.82 0.41
N ALA B 423 -26.45 14.41 1.32
CA ALA B 423 -26.32 15.13 2.57
C ALA B 423 -25.26 16.22 2.43
N ARG B 424 -25.23 17.15 3.39
CA ARG B 424 -24.17 18.17 3.45
C ARG B 424 -23.23 17.77 4.57
N VAL B 425 -21.96 17.57 4.24
CA VAL B 425 -21.01 16.94 5.14
C VAL B 425 -19.82 17.87 5.34
N TYR B 426 -19.33 17.95 6.58
CA TYR B 426 -18.13 18.71 6.89
C TYR B 426 -17.28 17.75 7.72
N ALA B 427 -16.00 17.66 7.38
CA ALA B 427 -15.13 16.71 8.06
C ALA B 427 -13.93 17.41 8.70
N TYR B 428 -13.38 16.82 9.75
CA TYR B 428 -12.24 17.39 10.46
C TYR B 428 -11.29 16.31 10.99
N ILE B 429 -10.06 16.74 11.31
CA ILE B 429 -9.17 15.96 12.15
C ILE B 429 -8.70 16.87 13.28
N PHE B 430 -8.83 16.37 14.49
CA PHE B 430 -8.48 17.10 15.67
C PHE B 430 -7.06 16.71 16.09
N GLU B 431 -6.18 17.69 16.20
CA GLU B 431 -4.76 17.38 16.26
C GLU B 431 -4.04 18.05 17.41
N HIS B 432 -4.79 18.65 18.31
CA HIS B 432 -4.20 19.32 19.47
C HIS B 432 -4.25 18.45 20.74
N ARG B 433 -3.08 18.20 21.35
CA ARG B 433 -2.99 17.41 22.59
C ARG B 433 -3.07 18.35 23.80
N ALA B 434 -4.08 18.15 24.64
CA ALA B 434 -4.28 18.94 25.85
C ALA B 434 -2.98 19.04 26.63
N SER B 435 -2.66 20.25 27.04
CA SER B 435 -1.44 20.51 27.82
C SER B 435 -1.49 19.81 29.17
N THR B 436 -2.71 19.55 29.63
CA THR B 436 -3.01 18.95 30.95
C THR B 436 -3.16 17.40 30.91
N LEU B 437 -2.95 16.80 29.73
CA LEU B 437 -3.12 15.34 29.52
C LEU B 437 -2.24 14.47 30.42
N THR B 438 -2.86 13.47 31.03
CA THR B 438 -2.20 12.61 32.02
C THR B 438 -1.60 11.35 31.40
N TRP B 439 -2.03 11.01 30.17
CA TRP B 439 -1.48 9.89 29.43
C TRP B 439 -0.14 10.30 28.84
N PRO B 440 0.77 9.34 28.63
CA PRO B 440 2.12 9.68 28.15
C PRO B 440 2.13 10.19 26.71
N LEU B 441 3.26 10.78 26.32
CA LEU B 441 3.36 11.44 25.02
C LEU B 441 3.11 10.53 23.83
N TRP B 442 3.46 9.27 23.97
CA TRP B 442 3.47 8.35 22.84
C TRP B 442 2.04 8.12 22.36
N MET B 443 1.09 8.30 23.28
CA MET B 443 -0.32 8.10 22.96
C MET B 443 -0.91 9.23 22.12
N GLY B 444 -0.14 10.31 21.96
CA GLY B 444 -0.53 11.47 21.15
C GLY B 444 -1.80 12.16 21.61
N VAL B 445 -2.75 12.29 20.69
CA VAL B 445 -4.09 12.79 20.97
C VAL B 445 -5.02 11.59 20.95
N PRO B 446 -5.33 11.05 22.13
CA PRO B 446 -6.15 9.83 22.19
C PRO B 446 -7.65 10.06 22.03
N HIS B 447 -8.34 8.98 21.70
CA HIS B 447 -9.78 8.87 21.62
C HIS B 447 -10.48 9.49 22.85
N GLY B 448 -11.33 10.48 22.60
CA GLY B 448 -12.10 11.15 23.66
C GLY B 448 -11.57 12.52 24.02
N TYR B 449 -10.34 12.83 23.63
CA TYR B 449 -9.63 14.03 24.13
C TYR B 449 -9.85 15.34 23.36
N GLU B 450 -10.82 15.35 22.42
CA GLU B 450 -11.36 16.59 21.87
C GLU B 450 -12.55 17.10 22.68
N ILE B 451 -13.24 16.21 23.38
CA ILE B 451 -14.49 16.57 24.04
C ILE B 451 -14.35 17.78 24.97
N GLU B 452 -13.34 17.77 25.84
CA GLU B 452 -13.18 18.86 26.78
C GLU B 452 -13.07 20.24 26.11
N PHE B 453 -12.46 20.30 24.92
CA PHE B 453 -12.36 21.53 24.13
C PHE B 453 -13.68 22.00 23.52
N ILE B 454 -14.41 21.06 22.91
CA ILE B 454 -15.72 21.34 22.30
C ILE B 454 -16.70 21.83 23.35
N PHE B 455 -16.69 21.19 24.53
CA PHE B 455 -17.55 21.61 25.64
C PHE B 455 -17.13 22.91 26.31
N GLY B 456 -15.92 23.35 26.04
CA GLY B 456 -15.45 24.67 26.50
C GLY B 456 -14.73 24.70 27.83
N LEU B 457 -14.25 23.54 28.27
CA LEU B 457 -13.63 23.42 29.59
C LEU B 457 -12.41 24.32 29.89
N PRO B 458 -11.52 24.53 28.91
CA PRO B 458 -10.45 25.53 29.05
C PRO B 458 -10.86 26.95 29.49
N LEU B 459 -12.14 27.28 29.42
CA LEU B 459 -12.59 28.60 29.88
C LEU B 459 -12.65 28.71 31.41
N ASP B 460 -12.66 27.56 32.08
CA ASP B 460 -12.60 27.48 33.53
C ASP B 460 -11.15 27.69 33.96
N PRO B 461 -10.87 28.85 34.59
CA PRO B 461 -9.48 29.23 34.89
C PRO B 461 -8.79 28.28 35.89
N SER B 462 -9.58 27.69 36.80
CA SER B 462 -9.12 26.75 37.81
C SER B 462 -8.63 25.41 37.23
N LEU B 463 -8.81 25.20 35.92
CA LEU B 463 -8.46 23.94 35.29
C LEU B 463 -7.04 23.88 34.70
N ASN B 464 -6.39 25.03 34.60
CA ASN B 464 -4.95 25.12 34.28
C ASN B 464 -4.55 24.95 32.81
N TYR B 465 -5.51 25.10 31.91
CA TYR B 465 -5.23 25.15 30.49
C TYR B 465 -4.53 26.46 30.13
N THR B 466 -3.71 26.41 29.06
CA THR B 466 -3.01 27.61 28.58
C THR B 466 -4.01 28.59 27.98
N THR B 467 -3.60 29.87 27.82
CA THR B 467 -4.52 30.87 27.28
C THR B 467 -4.77 30.62 25.78
N GLU B 468 -3.81 29.98 25.12
CA GLU B 468 -3.91 29.54 23.74
C GLU B 468 -5.06 28.50 23.56
N GLU B 469 -5.21 27.61 24.53
CA GLU B 469 -6.20 26.55 24.50
C GLU B 469 -7.61 27.07 24.83
N ARG B 470 -7.65 28.15 25.60
CA ARG B 470 -8.87 28.87 25.90
C ARG B 470 -9.40 29.51 24.60
N ILE B 471 -8.52 30.17 23.84
CA ILE B 471 -8.87 30.76 22.54
C ILE B 471 -9.32 29.68 21.53
N PHE B 472 -8.68 28.52 21.58
CA PHE B 472 -8.96 27.40 20.68
C PHE B 472 -10.29 26.75 21.02
N ALA B 473 -10.61 26.65 22.31
CA ALA B 473 -11.93 26.19 22.75
C ALA B 473 -13.05 27.10 22.22
N GLN B 474 -12.84 28.40 22.33
CA GLN B 474 -13.82 29.38 21.88
C GLN B 474 -14.13 29.22 20.38
N ARG B 475 -13.10 28.92 19.59
CA ARG B 475 -13.19 28.61 18.17
C ARG B 475 -14.02 27.34 17.97
N LEU B 476 -13.76 26.30 18.76
CA LEU B 476 -14.46 25.04 18.54
C LEU B 476 -15.93 25.14 18.93
N MET B 477 -16.20 25.80 20.05
CA MET B 477 -17.56 26.04 20.47
C MET B 477 -18.33 26.76 19.39
N LYS B 478 -17.66 27.71 18.73
CA LYS B 478 -18.23 28.46 17.60
C LYS B 478 -18.58 27.60 16.36
N TYR B 479 -17.65 26.74 15.91
CA TYR B 479 -17.91 25.88 14.78
C TYR B 479 -19.12 25.01 15.09
N TRP B 480 -19.11 24.40 16.28
CA TRP B 480 -20.16 23.45 16.69
C TRP B 480 -21.53 24.07 16.84
N THR B 481 -21.61 25.28 17.39
CA THR B 481 -22.86 25.97 17.52
C THR B 481 -23.27 26.67 16.23
N ASN B 482 -22.32 27.18 15.45
CA ASN B 482 -22.66 27.68 14.10
C ASN B 482 -23.20 26.53 13.28
N PHE B 483 -22.56 25.37 13.38
CA PHE B 483 -23.14 24.18 12.78
C PHE B 483 -24.60 23.91 13.27
N ALA B 484 -24.85 23.98 14.59
CA ALA B 484 -26.22 23.74 15.08
C ALA B 484 -27.23 24.76 14.55
N ARG B 485 -26.84 26.04 14.52
CA ARG B 485 -27.71 27.12 14.08
C ARG B 485 -28.06 27.03 12.60
N THR B 486 -27.08 26.68 11.76
CA THR B 486 -27.17 26.92 10.33
C THR B 486 -26.83 25.71 9.46
N GLY B 487 -26.28 24.67 10.07
CA GLY B 487 -25.84 23.53 9.27
C GLY B 487 -24.50 23.73 8.57
N ASP B 488 -23.83 24.86 8.87
CA ASP B 488 -22.57 25.27 8.25
C ASP B 488 -21.70 25.81 9.39
N PRO B 489 -20.53 25.18 9.64
CA PRO B 489 -19.77 25.52 10.84
C PRO B 489 -18.95 26.81 10.71
N ASN B 490 -18.96 27.41 9.52
CA ASN B 490 -18.18 28.60 9.24
C ASN B 490 -18.73 29.84 9.94
N ASP B 491 -17.83 30.74 10.35
CA ASP B 491 -18.16 31.95 11.11
C ASP B 491 -18.67 33.05 10.17
N PRO B 492 -20.01 33.22 10.10
CA PRO B 492 -20.67 34.13 9.16
C PRO B 492 -20.30 35.61 9.34
N ARG B 493 -19.55 35.90 10.40
CA ARG B 493 -19.07 37.26 10.68
C ARG B 493 -17.60 37.40 10.24
N ASP B 494 -16.83 36.33 10.43
CA ASP B 494 -15.44 36.25 9.96
C ASP B 494 -15.39 36.14 8.43
N SER B 495 -14.38 36.78 7.83
CA SER B 495 -14.13 36.68 6.38
C SER B 495 -12.95 35.70 6.07
N LYS B 496 -11.75 36.24 5.80
CA LYS B 496 -10.55 35.41 5.53
C LYS B 496 -10.22 34.48 6.71
N SER B 497 -10.56 33.20 6.59
CA SER B 497 -10.40 32.25 7.72
C SER B 497 -9.31 31.15 7.67
N PRO B 498 -9.14 30.41 6.55
CA PRO B 498 -9.93 30.30 5.30
C PRO B 498 -11.25 29.58 5.55
N GLN B 499 -12.10 29.48 4.53
CA GLN B 499 -13.37 28.79 4.72
C GLN B 499 -13.18 27.26 4.87
N TRP B 500 -14.01 26.66 5.71
CA TRP B 500 -14.13 25.21 5.84
C TRP B 500 -15.10 24.68 4.74
N PRO B 501 -14.57 23.93 3.74
CA PRO B 501 -15.44 23.54 2.64
C PRO B 501 -16.21 22.27 2.96
N PRO B 502 -17.36 22.07 2.28
CA PRO B 502 -18.00 20.78 2.52
C PRO B 502 -17.14 19.60 2.03
N TYR B 503 -17.19 18.49 2.76
CA TYR B 503 -16.59 17.25 2.29
C TYR B 503 -17.41 16.67 1.13
N THR B 504 -16.72 16.28 0.06
CA THR B 504 -17.33 15.63 -1.10
C THR B 504 -16.52 14.41 -1.57
N THR B 505 -17.13 13.56 -2.38
CA THR B 505 -16.45 12.37 -2.91
C THR B 505 -15.42 12.76 -3.98
N ALA B 506 -15.70 13.79 -4.79
CA ALA B 506 -14.71 14.37 -5.71
C ALA B 506 -13.48 14.95 -4.96
N ALA B 507 -13.63 16.11 -4.30
CA ALA B 507 -12.51 16.83 -3.72
C ALA B 507 -11.97 16.19 -2.43
N GLN B 508 -12.86 15.67 -1.59
CA GLN B 508 -12.49 14.96 -0.34
C GLN B 508 -11.85 15.84 0.71
N GLN B 509 -12.31 17.08 0.78
CA GLN B 509 -11.75 18.09 1.66
C GLN B 509 -12.22 17.99 3.12
N TYR B 510 -11.24 18.01 4.02
CA TYR B 510 -11.46 18.10 5.45
C TYR B 510 -10.49 19.17 6.03
N VAL B 511 -10.69 19.57 7.28
CA VAL B 511 -9.86 20.64 7.81
C VAL B 511 -9.16 20.15 9.08
N SER B 512 -8.00 20.73 9.40
CA SER B 512 -7.33 20.40 10.66
C SER B 512 -7.78 21.36 11.76
N LEU B 513 -8.24 20.76 12.86
CA LEU B 513 -8.54 21.50 14.06
C LEU B 513 -7.36 21.38 14.98
N ASN B 514 -6.62 22.47 15.12
CA ASN B 514 -5.49 22.56 16.04
C ASN B 514 -5.26 24.02 16.41
N LEU B 515 -4.15 24.34 17.05
CA LEU B 515 -3.94 25.70 17.57
C LEU B 515 -3.63 26.71 16.46
N LYS B 516 -3.10 26.22 15.34
CA LYS B 516 -2.91 27.02 14.12
C LYS B 516 -4.27 27.27 13.46
N PRO B 517 -4.38 28.27 12.56
CA PRO B 517 -5.64 28.50 11.83
C PRO B 517 -6.04 27.33 10.90
N LEU B 518 -7.30 27.28 10.47
CA LEU B 518 -7.79 26.16 9.67
C LEU B 518 -6.90 25.90 8.47
N GLU B 519 -6.69 24.62 8.17
CA GLU B 519 -5.95 24.24 6.98
C GLU B 519 -6.79 23.18 6.27
N VAL B 520 -6.95 23.32 4.96
CA VAL B 520 -7.77 22.40 4.18
C VAL B 520 -6.91 21.28 3.57
N ARG B 521 -7.27 20.03 3.83
CA ARG B 521 -6.49 18.90 3.34
C ARG B 521 -7.40 18.03 2.51
N ARG B 522 -6.84 17.20 1.66
CA ARG B 522 -7.67 16.35 0.80
C ARG B 522 -7.36 14.89 1.03
N GLY B 523 -8.40 14.09 1.28
CA GLY B 523 -8.25 12.64 1.35
C GLY B 523 -7.93 12.24 2.77
N LEU B 524 -8.90 11.64 3.44
CA LEU B 524 -8.73 11.18 4.81
C LEU B 524 -8.16 9.75 4.77
N ARG B 525 -6.84 9.63 4.87
CA ARG B 525 -6.14 8.34 4.68
C ARG B 525 -6.62 7.57 3.45
N ALA B 526 -6.66 8.23 2.31
CA ALA B 526 -7.35 7.67 1.14
C ALA B 526 -6.82 6.32 0.70
N GLN B 527 -5.50 6.18 0.62
CA GLN B 527 -4.87 4.92 0.17
C GLN B 527 -5.06 3.82 1.21
N THR B 528 -4.81 4.15 2.47
CA THR B 528 -4.96 3.21 3.55
C THR B 528 -6.42 2.78 3.74
N CYS B 529 -7.37 3.71 3.58
CA CYS B 529 -8.79 3.36 3.80
C CYS B 529 -9.36 2.54 2.66
N ALA B 530 -8.85 2.75 1.45
CA ALA B 530 -9.17 1.87 0.31
C ALA B 530 -8.78 0.42 0.61
N PHE B 531 -7.71 0.23 1.36
CA PHE B 531 -7.32 -1.09 1.79
C PHE B 531 -8.40 -1.70 2.70
N TRP B 532 -8.78 -0.95 3.72
CA TRP B 532 -9.78 -1.38 4.71
C TRP B 532 -11.19 -1.47 4.15
N ASN B 533 -11.61 -0.46 3.40
CA ASN B 533 -12.99 -0.37 2.91
C ASN B 533 -13.26 -1.16 1.63
N ARG B 534 -12.25 -1.35 0.80
CA ARG B 534 -12.47 -2.01 -0.50
C ARG B 534 -11.81 -3.36 -0.63
N PHE B 535 -10.56 -3.48 -0.19
CA PHE B 535 -9.83 -4.70 -0.46
C PHE B 535 -10.10 -5.76 0.60
N LEU B 536 -9.94 -5.35 1.84
CA LEU B 536 -10.05 -6.25 2.95
C LEU B 536 -11.37 -7.09 2.99
N PRO B 537 -12.54 -6.45 2.75
CA PRO B 537 -13.77 -7.23 2.60
C PRO B 537 -13.71 -8.36 1.54
N LYS B 538 -13.14 -8.07 0.38
CA LYS B 538 -12.96 -9.07 -0.67
C LYS B 538 -12.01 -10.18 -0.23
N LEU B 539 -11.07 -9.82 0.64
CA LEU B 539 -10.07 -10.79 1.11
C LEU B 539 -10.66 -11.77 2.13
N LEU B 540 -11.46 -11.25 3.06
CA LEU B 540 -12.13 -12.10 4.04
C LEU B 540 -13.23 -12.96 3.39
N SER B 541 -14.02 -12.38 2.49
CA SER B 541 -15.17 -13.09 1.86
C SER B 541 -14.76 -14.18 0.87
N ALA B 542 -13.46 -14.47 0.83
CA ALA B 542 -12.90 -15.64 0.16
C ALA B 542 -11.90 -16.26 1.15
N THR B 543 -12.19 -16.08 2.45
CA THR B 543 -11.33 -16.40 3.60
C THR B 543 -9.86 -15.89 3.48
C1 NAG C . -4.11 6.84 -28.79
C2 NAG C . -5.64 7.04 -28.64
C3 NAG C . -6.43 5.72 -28.40
C4 NAG C . -6.02 4.61 -29.36
C5 NAG C . -4.50 4.47 -29.46
C6 NAG C . -4.10 3.57 -30.64
C7 NAG C . -6.69 9.13 -27.91
C8 NAG C . -7.76 9.53 -26.91
N2 NAG C . -5.95 8.06 -27.62
O3 NAG C . -7.83 5.88 -28.51
O4 NAG C . -6.66 3.41 -28.96
O5 NAG C . -3.82 5.71 -29.62
O6 NAG C . -4.74 3.99 -31.83
O7 NAG C . -6.54 9.80 -28.93
C1 FUC C . -3.83 4.18 -32.95
C2 FUC C . -4.56 3.91 -34.28
C3 FUC C . -5.44 5.07 -34.73
C4 FUC C . -5.34 6.38 -33.88
C5 FUC C . -3.99 6.61 -33.13
C6 FUC C . -3.13 7.76 -33.66
O2 FUC C . -5.32 2.71 -34.21
O3 FUC C . -5.21 5.33 -36.11
O4 FUC C . -5.73 7.51 -34.64
O5 FUC C . -3.16 5.44 -33.03
C1 NAG D . 22.58 15.15 -36.40
C2 NAG D . 21.87 14.32 -37.49
C3 NAG D . 22.05 14.83 -38.93
C4 NAG D . 22.13 16.38 -38.99
C5 NAG D . 23.25 16.80 -38.01
C6 NAG D . 23.81 18.23 -38.16
C7 NAG D . 21.71 12.00 -36.64
C8 NAG D . 22.55 10.88 -36.09
N2 NAG D . 22.31 12.92 -37.40
O3 NAG D . 21.03 14.33 -39.77
O4 NAG D . 22.36 16.82 -40.33
O5 NAG D . 22.75 16.54 -36.70
O6 NAG D . 22.83 19.25 -37.98
O7 NAG D . 20.50 12.02 -36.39
C CO3 E . 14.21 -7.91 -22.77
O1 CO3 E . 13.15 -7.24 -22.38
O2 CO3 E . 14.45 -9.06 -22.20
O3 CO3 E . 15.03 -7.43 -23.67
O3 OBI F . 12.11 -2.87 -24.33
N4 OBI F . 11.48 -3.55 -25.38
C14 OBI F . 10.32 -4.02 -25.22
C11 OBI F . 9.60 -4.76 -26.30
C10 OBI F . 10.16 -4.91 -27.57
C9 OBI F . 9.45 -5.59 -28.55
C12 OBI F . 8.36 -5.33 -26.04
C13 OBI F . 7.69 -6.02 -27.06
N3 OBI F . 8.25 -6.12 -28.28
C8 OBI F . 7.54 -6.85 -29.31
O2 OBI F . 7.12 -8.03 -28.64
C7 OBI F . 5.90 -8.52 -29.14
N2 OBI F . 6.24 -9.69 -29.93
C4 OBI F . 7.37 -10.36 -29.68
C3 OBI F . 7.71 -11.48 -30.43
C5 OBI F . 5.38 -10.06 -30.89
C6 OBI F . 5.65 -11.17 -31.67
C2 OBI F . 6.83 -11.89 -31.43
C1 OBI F . 7.10 -13.05 -32.28
N1 OBI F . 8.24 -13.56 -32.30
O1 OBI F . 8.46 -14.63 -33.16
C1 NAG G . 6.28 -1.19 29.42
C2 NAG G . 7.42 -1.95 28.71
C3 NAG G . 7.01 -3.39 28.31
C4 NAG G . 6.15 -4.13 29.36
C5 NAG G . 5.05 -3.23 29.98
C6 NAG G . 4.32 -3.96 31.14
C7 NAG G . 9.15 -1.07 27.09
C8 NAG G . 9.58 0.29 26.60
N2 NAG G . 7.87 -1.22 27.51
O3 NAG G . 8.17 -4.15 28.00
O4 NAG G . 5.57 -5.29 28.78
O5 NAG G . 5.60 -1.99 30.39
O6 NAG G . 4.32 -3.25 32.37
O7 NAG G . 9.97 -2.00 27.09
C CO3 H . -16.21 4.14 22.80
O1 CO3 H . -17.38 3.84 22.32
O2 CO3 H . -16.11 5.02 23.76
O3 CO3 H . -15.13 3.59 22.32
O3 OBI I . -11.26 5.76 24.76
N4 OBI I . -11.37 4.66 25.61
C14 OBI I . -10.90 3.51 25.35
C11 OBI I . -11.06 2.39 26.32
C10 OBI I . -11.42 2.63 27.65
C9 OBI I . -11.54 1.54 28.51
C12 OBI I . -10.83 1.08 25.91
C13 OBI I . -10.99 0.04 26.81
N3 OBI I . -11.32 0.29 28.09
C8 OBI I . -11.46 -0.82 29.02
O2 OBI I . -12.53 -1.64 28.63
C7 OBI I . -12.18 -3.01 28.59
N2 OBI I . -13.25 -3.68 29.32
C4 OBI I . -14.50 -3.28 29.14
C3 OBI I . -15.52 -3.90 29.85
C5 OBI I . -12.91 -4.68 30.16
C6 OBI I . -13.88 -5.33 30.90
C2 OBI I . -15.20 -4.94 30.73
C1 OBI I . -16.26 -5.63 31.49
N1 OBI I . -17.42 -5.14 31.48
O1 OBI I . -18.44 -5.76 32.17
O1 P6G J . 1.40 0.92 2.25
C2 P6G J . 2.07 -0.03 1.59
C3 P6G J . 1.45 -1.10 1.14
O4 P6G J . 2.21 -2.11 0.43
C5 P6G J . 2.81 -3.24 1.12
C6 P6G J . 2.13 -4.35 1.42
O7 P6G J . 0.73 -4.54 1.09
C8 P6G J . 0.20 -5.86 0.87
C9 P6G J . -1.31 -5.90 1.09
O10 P6G J . -1.97 -5.09 0.14
C11 P6G J . -3.19 -5.52 -0.53
C12 P6G J . -3.97 -4.67 -1.20
O13 P6G J . -3.73 -3.24 -1.32
C14 P6G J . -4.80 -2.25 -1.52
C15 P6G J . -4.61 -0.94 -1.25
O16 P6G J . -3.34 -0.43 -0.71
C17 P6G J . -2.83 0.90 -1.07
C18 P6G J . -1.56 1.05 -1.43
O19 P6G J . -1.06 2.24 -1.80
#